data_5ITY
#
_entry.id   5ITY
#
_cell.length_a   73.624
_cell.length_b   108.706
_cell.length_c   169.972
_cell.angle_alpha   90.00
_cell.angle_beta   90.00
_cell.angle_gamma   90.00
#
_symmetry.space_group_name_H-M   'P 21 21 21'
#
loop_
_entity.id
_entity.type
_entity.pdbx_description
1 polymer 'Endonuclease 8-like 1'
2 polymer 'DNA (26-MER)'
3 non-polymer GLYCEROL
4 water water
#
loop_
_entity_poly.entity_id
_entity_poly.type
_entity_poly.pdbx_seq_one_letter_code
_entity_poly.pdbx_strand_id
1 'polypeptide(L)'
;MGEGPELHLASQFVNEACRALVFGGCVEKSSVSRNPEVPFESSAYRISASARGKELRLILSPLPGAQPQQEPLALVFRFG
MSGSFQLVPREELPRHAHLRFYTAPPGPRLALCFVDIRRFGRWDLGGKWQPGRGPCVLQEYQQFRENVLRNLADKAFDRP
ICEALLDQRFFNGIGNYLRAEILYRLKIPPFEKARSVLEALQQHRPSPELTLSQKIRTKLQNPDLLELCHSVPKEVVQLG
GRGYGSESGEEDFAAFRAWLRCYGMPGMSSLQDRHGRTIWFQGDPGPLAPKGRKSRKKKSKATQLSPEDRVEDALPPSKA
PSRTRRAKRDLPKRTATQRPEGTSLQQDPEAPTVPKKGRRKGRQAASGHCRPRKVKADIPSLEPEGTSASAALGHHHHHH
;
A,B,C
2 'polydeoxyribonucleotide'
;(DC)(DG)(DT)(DC)(DC)(DA)(CTG)(DG)(DT)(DC)(DT)(DA)(DC)(DT)(DA)(DG)(DA)(DC)(DC)
(DT)(DG)(DG)(DA)(DC)(DG)(DG)
;
D,E,F
#
# COMPACT_ATOMS: atom_id res chain seq x y z
N GLY A 2 -5.71 -15.63 22.33
N GLY A 2 -5.13 -16.25 20.08
CA GLY A 2 -5.91 -15.57 20.87
CA GLY A 2 -5.99 -15.54 21.05
C GLY A 2 -6.34 -14.22 20.29
C GLY A 2 -6.60 -14.37 20.31
N GLU A 3 -7.04 -13.36 21.05
CA GLU A 3 -7.57 -12.13 20.45
C GLU A 3 -6.65 -10.91 20.66
N GLY A 4 -7.12 -9.77 20.20
CA GLY A 4 -6.27 -8.61 20.22
C GLY A 4 -5.69 -8.39 21.60
N PRO A 5 -6.51 -8.49 22.64
CA PRO A 5 -5.84 -8.18 23.94
C PRO A 5 -4.70 -9.19 24.29
N GLU A 6 -4.82 -10.43 23.85
CA GLU A 6 -3.89 -11.42 24.26
C GLU A 6 -2.59 -11.17 23.51
N LEU A 7 -2.70 -10.91 22.21
CA LEU A 7 -1.52 -10.49 21.41
C LEU A 7 -0.85 -9.29 22.04
N HIS A 8 -1.65 -8.32 22.46
CA HIS A 8 -1.03 -7.14 23.05
C HIS A 8 -0.30 -7.52 24.32
N LEU A 9 -0.93 -8.33 25.18
CA LEU A 9 -0.29 -8.72 26.44
C LEU A 9 0.95 -9.54 26.18
N ALA A 10 0.90 -10.43 25.19
CA ALA A 10 2.07 -11.20 24.80
C ALA A 10 3.23 -10.24 24.39
N SER A 11 2.92 -9.18 23.67
CA SER A 11 4.00 -8.31 23.28
C SER A 11 4.47 -7.51 24.50
N GLN A 12 3.62 -7.14 25.43
CA GLN A 12 4.20 -6.49 26.63
C GLN A 12 5.03 -7.49 27.41
N PHE A 13 4.64 -8.75 27.32
CA PHE A 13 5.34 -9.69 28.14
C PHE A 13 6.74 -9.82 27.60
N VAL A 14 6.86 -9.99 26.28
CA VAL A 14 8.14 -10.09 25.63
C VAL A 14 8.97 -8.83 25.96
N ASN A 15 8.37 -7.65 25.90
CA ASN A 15 9.19 -6.50 26.16
C ASN A 15 9.66 -6.50 27.61
N GLU A 16 8.82 -6.88 28.54
CA GLU A 16 9.26 -6.76 29.92
C GLU A 16 10.18 -7.87 30.34
N ALA A 17 9.86 -9.08 29.92
CA ALA A 17 10.63 -10.19 30.37
C ALA A 17 11.97 -10.11 29.72
N CYS A 18 12.10 -9.49 28.53
CA CYS A 18 13.39 -9.56 27.83
C CYS A 18 14.15 -8.29 28.02
N ARG A 19 13.61 -7.42 28.88
CA ARG A 19 14.22 -6.13 29.06
C ARG A 19 15.69 -6.20 29.37
N ALA A 20 16.06 -7.20 30.12
CA ALA A 20 17.47 -7.26 30.61
C ALA A 20 18.14 -8.51 30.10
N LEU A 21 17.53 -9.19 29.15
CA LEU A 21 18.14 -10.38 28.64
C LEU A 21 18.94 -10.06 27.41
N VAL A 22 20.00 -10.81 27.23
CA VAL A 22 20.71 -10.78 26.01
C VAL A 22 20.68 -12.15 25.44
N PHE A 23 20.26 -12.26 24.20
CA PHE A 23 20.18 -13.53 23.52
C PHE A 23 21.40 -13.75 22.67
N GLY A 24 21.67 -15.02 22.34
CA GLY A 24 22.79 -15.33 21.45
C GLY A 24 22.57 -16.58 20.65
N GLY A 25 23.31 -16.75 19.56
CA GLY A 25 23.22 -17.97 18.80
C GLY A 25 22.16 -17.90 17.75
N CYS A 26 21.59 -19.05 17.45
CA CYS A 26 20.68 -19.15 16.32
C CYS A 26 19.29 -19.09 16.88
N VAL A 27 18.32 -19.13 15.97
CA VAL A 27 16.91 -19.18 16.35
C VAL A 27 16.40 -20.56 15.97
N GLU A 28 15.96 -21.33 16.95
CA GLU A 28 15.63 -22.74 16.69
C GLU A 28 14.17 -23.05 16.53
N LYS A 29 13.87 -23.83 15.50
CA LYS A 29 12.53 -24.28 15.18
C LYS A 29 12.39 -25.80 15.38
N SER A 30 11.26 -26.21 15.96
CA SER A 30 10.93 -27.63 16.03
C SER A 30 10.78 -28.22 14.61
N SER A 31 11.13 -29.50 14.43
CA SER A 31 10.95 -30.22 13.15
C SER A 31 9.49 -30.34 12.77
N VAL A 32 8.63 -30.53 13.74
CA VAL A 32 7.26 -30.69 13.39
C VAL A 32 6.69 -29.41 12.74
N SER A 33 7.25 -28.22 13.02
CA SER A 33 6.63 -26.95 12.59
C SER A 33 6.79 -26.65 11.12
N ARG A 34 5.70 -26.32 10.44
CA ARG A 34 5.79 -26.08 8.99
C ARG A 34 6.02 -24.61 8.65
N ASN A 35 6.19 -23.77 9.66
CA ASN A 35 6.55 -22.38 9.42
C ASN A 35 8.03 -22.24 9.00
N PRO A 36 8.42 -21.11 8.47
CA PRO A 36 9.77 -21.23 7.93
C PRO A 36 10.87 -21.08 8.97
N GLU A 37 12.02 -21.71 8.72
CA GLU A 37 13.25 -21.46 9.45
C GLU A 37 13.56 -20.00 9.46
N VAL A 38 14.14 -19.53 10.54
CA VAL A 38 14.49 -18.15 10.70
C VAL A 38 15.99 -18.01 10.55
N PRO A 39 16.44 -17.42 9.43
CA PRO A 39 17.88 -17.38 9.21
C PRO A 39 18.40 -16.15 9.95
N PHE A 40 18.89 -16.39 11.16
CA PHE A 40 19.35 -15.31 11.99
C PHE A 40 20.30 -15.93 12.96
N GLU A 41 21.53 -15.39 13.00
CA GLU A 41 22.46 -15.74 14.01
C GLU A 41 23.19 -14.51 14.50
N SER A 42 23.32 -14.40 15.83
CA SER A 42 24.07 -13.30 16.41
C SER A 42 24.52 -13.63 17.79
N SER A 43 25.76 -13.26 18.11
CA SER A 43 26.35 -13.55 19.40
C SER A 43 25.69 -12.77 20.54
N ALA A 44 25.08 -11.65 20.25
CA ALA A 44 24.50 -10.85 21.31
C ALA A 44 23.37 -9.97 20.71
N TYR A 45 22.10 -10.35 20.97
CA TYR A 45 20.97 -9.58 20.51
C TYR A 45 19.84 -9.45 21.58
N ARG A 46 19.06 -8.37 21.42
CA ARG A 46 17.94 -8.11 22.29
C ARG A 46 16.68 -8.35 21.49
N ILE A 47 15.63 -8.80 22.18
CA ILE A 47 14.33 -8.97 21.57
C ILE A 47 13.30 -7.98 22.13
N SER A 48 12.46 -7.44 21.22
CA SER A 48 11.38 -6.54 21.64
C SER A 48 10.16 -6.83 20.79
N ALA A 49 9.02 -6.22 21.09
CA ALA A 49 7.85 -6.59 20.33
C ALA A 49 6.86 -5.48 20.25
N SER A 50 5.94 -5.63 19.30
CA SER A 50 4.78 -4.77 19.38
C SER A 50 3.66 -5.59 18.78
N ALA A 51 2.43 -5.17 19.05
CA ALA A 51 1.22 -5.92 18.60
C ALA A 51 0.44 -4.99 17.69
N ARG A 52 -0.25 -5.57 16.71
CA ARG A 52 -1.20 -4.82 15.94
C ARG A 52 -2.35 -5.75 15.67
N GLY A 53 -3.52 -5.43 16.23
CA GLY A 53 -4.65 -6.32 16.09
C GLY A 53 -4.28 -7.75 16.48
N LYS A 54 -4.54 -8.68 15.57
CA LYS A 54 -4.32 -10.05 15.94
C LYS A 54 -2.94 -10.52 15.45
N GLU A 55 -1.98 -9.59 15.36
CA GLU A 55 -0.61 -9.97 15.04
C GLU A 55 0.36 -9.40 16.01
N LEU A 56 1.53 -10.00 16.05
CA LEU A 56 2.59 -9.57 16.95
C LEU A 56 3.89 -9.52 16.14
N ARG A 57 4.67 -8.48 16.33
CA ARG A 57 5.92 -8.40 15.60
C ARG A 57 7.06 -8.54 16.60
N LEU A 58 8.01 -9.46 16.39
CA LEU A 58 9.23 -9.45 17.22
C LEU A 58 10.32 -8.79 16.44
N ILE A 59 11.09 -7.93 17.12
CA ILE A 59 12.34 -7.45 16.53
C ILE A 59 13.57 -8.05 17.23
N LEU A 60 14.45 -8.66 16.44
CA LEU A 60 15.73 -9.18 16.91
C LEU A 60 16.85 -8.21 16.61
N SER A 61 17.44 -7.66 17.68
CA SER A 61 18.39 -6.59 17.48
C SER A 61 19.77 -6.82 18.05
N PRO A 62 20.72 -7.19 17.17
CA PRO A 62 22.13 -7.38 17.53
C PRO A 62 22.66 -6.21 18.31
N LEU A 63 23.37 -6.44 19.40
CA LEU A 63 24.08 -5.36 20.04
C LEU A 63 25.26 -4.89 19.14
N PRO A 64 25.81 -3.73 19.43
CA PRO A 64 26.98 -3.25 18.66
C PRO A 64 28.12 -4.26 18.70
N GLY A 65 28.72 -4.49 17.54
CA GLY A 65 29.85 -5.41 17.46
C GLY A 65 29.51 -6.89 17.54
N ALA A 66 28.26 -7.27 17.61
CA ALA A 66 27.96 -8.67 17.63
C ALA A 66 28.44 -9.27 16.36
N GLN A 67 28.73 -10.55 16.37
CA GLN A 67 29.11 -11.25 15.18
C GLN A 67 28.21 -12.45 15.14
N PRO A 68 27.93 -12.99 13.96
CA PRO A 68 28.47 -12.41 12.73
C PRO A 68 27.87 -11.02 12.52
N GLN A 69 27.68 -10.64 11.27
CA GLN A 69 27.05 -9.39 10.95
C GLN A 69 25.61 -9.64 10.73
N GLN A 70 24.79 -8.77 11.28
CA GLN A 70 23.38 -8.91 11.20
C GLN A 70 22.82 -7.53 11.21
N GLU A 71 21.90 -7.28 10.32
CA GLU A 71 21.06 -6.12 10.47
C GLU A 71 19.89 -6.66 11.21
N PRO A 72 19.19 -5.73 11.99
CA PRO A 72 18.09 -6.32 12.75
C PRO A 72 17.14 -7.15 11.94
N LEU A 73 16.44 -8.08 12.57
CA LEU A 73 15.42 -8.85 11.85
C LEU A 73 14.02 -8.76 12.48
N ALA A 74 13.00 -8.71 11.64
CA ALA A 74 11.66 -8.67 12.17
C ALA A 74 10.92 -9.93 11.82
N LEU A 75 10.13 -10.43 12.74
CA LEU A 75 9.18 -11.50 12.42
C LEU A 75 7.78 -11.19 12.92
N VAL A 76 6.80 -11.69 12.18
CA VAL A 76 5.40 -11.42 12.49
C VAL A 76 4.70 -12.73 12.75
N PHE A 77 4.06 -12.77 13.90
CA PHE A 77 3.41 -13.95 14.40
C PHE A 77 1.90 -13.73 14.41
N ARG A 78 1.16 -14.73 13.92
CA ARG A 78 -0.24 -14.98 14.32
C ARG A 78 -0.32 -16.21 15.23
N PHE A 79 -1.22 -16.15 16.22
CA PHE A 79 -1.29 -17.16 17.26
C PHE A 79 -2.23 -18.28 16.95
N GLY A 80 -3.15 -18.10 16.00
CA GLY A 80 -4.20 -19.12 15.78
C GLY A 80 -4.96 -19.34 17.07
N MET A 81 -5.42 -20.57 17.32
CA MET A 81 -6.22 -20.88 18.50
C MET A 81 -5.43 -21.09 19.79
N SER A 82 -4.13 -21.32 19.69
CA SER A 82 -3.43 -21.75 20.91
C SER A 82 -2.00 -21.27 21.03
N GLY A 83 -1.67 -20.15 20.41
CA GLY A 83 -0.30 -19.65 20.46
C GLY A 83 -0.01 -18.89 21.73
N SER A 84 1.27 -18.82 22.12
CA SER A 84 1.66 -17.95 23.23
C SER A 84 3.17 -17.82 23.24
N PHE A 85 3.69 -16.97 24.12
CA PHE A 85 5.11 -16.87 24.29
C PHE A 85 5.40 -17.19 25.72
N GLN A 86 6.48 -17.93 25.97
CA GLN A 86 6.88 -18.18 27.35
C GLN A 86 8.36 -17.98 27.47
N LEU A 87 8.79 -17.55 28.65
CA LEU A 87 10.17 -17.51 28.92
C LEU A 87 10.37 -18.68 29.87
N VAL A 88 11.16 -19.68 29.43
CA VAL A 88 11.50 -20.83 30.28
C VAL A 88 12.97 -21.21 30.41
N PRO A 89 13.33 -21.98 31.47
CA PRO A 89 14.72 -22.50 31.60
C PRO A 89 15.05 -23.29 30.36
N ARG A 90 16.24 -23.06 29.78
CA ARG A 90 16.66 -23.66 28.50
C ARG A 90 16.33 -25.16 28.36
N GLU A 91 16.49 -25.92 29.44
CA GLU A 91 16.32 -27.38 29.35
C GLU A 91 14.95 -27.85 29.80
N GLU A 92 14.06 -26.90 30.09
CA GLU A 92 12.73 -27.22 30.53
C GLU A 92 11.71 -26.63 29.57
N LEU A 93 11.96 -26.89 28.29
CA LEU A 93 11.09 -26.46 27.18
C LEU A 93 9.73 -27.06 27.34
N PRO A 94 8.69 -26.25 27.18
CA PRO A 94 7.38 -26.89 27.16
C PRO A 94 7.25 -27.80 25.91
N ARG A 95 6.26 -28.68 26.00
CA ARG A 95 5.79 -29.39 24.85
C ARG A 95 5.23 -28.34 23.82
N HIS A 96 5.53 -28.54 22.54
CA HIS A 96 5.01 -27.68 21.48
C HIS A 96 5.63 -26.28 21.41
N ALA A 97 6.88 -26.16 21.86
CA ALA A 97 7.56 -24.89 21.76
C ALA A 97 8.15 -24.95 20.39
N HIS A 98 7.61 -24.15 19.48
CA HIS A 98 7.95 -24.32 18.09
C HIS A 98 9.04 -23.45 17.57
N LEU A 99 9.33 -22.38 18.29
CA LEU A 99 10.40 -21.51 17.92
C LEU A 99 10.96 -21.02 19.21
N ARG A 100 12.28 -20.98 19.26
CA ARG A 100 13.00 -20.83 20.50
C ARG A 100 14.18 -19.86 20.34
N PHE A 101 14.31 -18.93 21.28
CA PHE A 101 15.38 -17.95 21.27
C PHE A 101 16.07 -18.14 22.60
N TYR A 102 17.41 -18.22 22.54
CA TYR A 102 18.23 -18.65 23.68
C TYR A 102 19.04 -17.51 24.29
N THR A 103 18.95 -17.34 25.58
CA THR A 103 19.72 -16.33 26.20
C THR A 103 21.18 -16.72 26.09
N ALA A 104 22.01 -15.69 26.20
CA ALA A 104 23.43 -15.87 26.09
C ALA A 104 23.98 -15.81 27.50
N PRO A 105 25.19 -16.37 27.75
CA PRO A 105 25.72 -16.23 29.10
C PRO A 105 26.19 -14.84 29.48
N PRO A 106 25.67 -14.37 30.60
CA PRO A 106 26.12 -14.55 31.95
C PRO A 106 24.70 -14.67 32.60
N GLY A 107 24.51 -15.67 33.45
CA GLY A 107 23.21 -15.79 34.06
C GLY A 107 22.58 -17.08 33.64
N PRO A 108 21.35 -17.30 34.05
CA PRO A 108 20.66 -18.56 33.83
C PRO A 108 20.23 -18.68 32.37
N ARG A 109 20.51 -19.85 31.79
CA ARG A 109 20.20 -20.16 30.41
C ARG A 109 18.69 -20.28 30.26
N LEU A 110 18.08 -19.31 29.53
CA LEU A 110 16.61 -19.29 29.34
C LEU A 110 16.24 -19.47 27.90
N ALA A 111 15.01 -19.83 27.65
CA ALA A 111 14.55 -19.79 26.26
C ALA A 111 13.24 -19.02 26.15
N LEU A 112 13.19 -18.03 25.26
CA LEU A 112 11.90 -17.48 24.86
C LEU A 112 11.34 -18.41 23.76
N CYS A 113 10.14 -18.90 23.96
CA CYS A 113 9.50 -19.82 23.06
C CYS A 113 8.18 -19.30 22.57
N PHE A 114 7.97 -19.47 21.28
CA PHE A 114 6.61 -19.36 20.75
C PHE A 114 6.05 -20.76 20.92
N VAL A 115 5.04 -20.88 21.77
CA VAL A 115 4.45 -22.15 22.09
C VAL A 115 3.07 -22.23 21.46
N ASP A 116 2.82 -23.30 20.73
CA ASP A 116 1.58 -23.40 20.02
C ASP A 116 1.04 -24.83 19.90
N ILE A 117 0.18 -25.22 20.84
CA ILE A 117 -0.33 -26.60 20.88
C ILE A 117 -0.90 -27.09 19.52
N ARG A 118 -1.85 -26.37 18.92
CA ARG A 118 -2.57 -26.92 17.77
C ARG A 118 -1.89 -26.60 16.43
N ARG A 119 -0.90 -25.67 16.50
CA ARG A 119 -0.11 -25.25 15.33
CA ARG A 119 -0.11 -25.24 15.34
C ARG A 119 -0.94 -24.54 14.29
N PHE A 120 -1.92 -23.77 14.74
CA PHE A 120 -2.72 -22.94 13.86
C PHE A 120 -1.96 -21.62 13.65
N GLY A 121 -1.06 -21.31 14.59
CA GLY A 121 -0.29 -20.10 14.47
C GLY A 121 0.70 -20.13 13.31
N ARG A 122 1.21 -18.98 12.93
CA ARG A 122 2.11 -18.95 11.78
C ARG A 122 3.06 -17.81 12.00
N TRP A 123 4.26 -17.89 11.46
CA TRP A 123 5.05 -16.68 11.33
C TRP A 123 5.59 -16.48 9.95
N ASP A 124 6.00 -15.24 9.71
CA ASP A 124 6.64 -14.85 8.47
C ASP A 124 7.88 -14.05 8.71
N LEU A 125 8.81 -14.28 7.80
CA LEU A 125 10.00 -13.50 7.66
C LEU A 125 9.62 -12.20 6.98
N GLY A 126 10.15 -11.12 7.53
CA GLY A 126 9.69 -9.80 7.11
C GLY A 126 8.88 -9.33 8.29
N GLY A 127 9.13 -8.10 8.67
CA GLY A 127 8.34 -7.55 9.71
C GLY A 127 7.08 -6.97 9.16
N LYS A 128 6.56 -7.46 8.05
CA LYS A 128 5.40 -6.79 7.47
C LYS A 128 4.02 -7.27 8.04
N TRP A 129 3.14 -6.34 8.44
CA TRP A 129 1.75 -6.69 8.85
C TRP A 129 1.06 -7.32 7.67
N GLN A 130 0.10 -8.18 7.93
CA GLN A 130 -0.49 -8.92 6.83
C GLN A 130 -1.24 -7.98 5.90
N PRO A 131 -0.95 -8.08 4.62
CA PRO A 131 -1.62 -7.06 3.85
C PRO A 131 -3.08 -7.41 3.90
N GLY A 132 -3.96 -6.42 3.97
CA GLY A 132 -5.34 -6.75 3.99
C GLY A 132 -5.89 -6.52 5.38
N ARG A 133 -5.09 -6.74 6.44
CA ARG A 133 -5.66 -6.48 7.75
C ARG A 133 -5.96 -5.01 7.98
N GLY A 134 -7.08 -4.72 8.60
CA GLY A 134 -7.44 -3.34 8.98
C GLY A 134 -6.55 -2.88 10.12
N PRO A 135 -6.68 -1.63 10.55
CA PRO A 135 -5.91 -1.11 11.70
C PRO A 135 -6.30 -1.74 13.01
N CYS A 136 -5.43 -1.59 13.99
CA CYS A 136 -5.58 -2.23 15.27
C CYS A 136 -6.75 -1.55 16.01
N VAL A 137 -7.77 -2.32 16.45
CA VAL A 137 -8.83 -1.69 17.24
C VAL A 137 -8.30 -1.16 18.55
N LEU A 138 -7.19 -1.72 19.06
CA LEU A 138 -6.67 -1.13 20.32
C LEU A 138 -5.79 0.06 20.08
N GLN A 139 -4.88 -0.03 19.13
CA GLN A 139 -3.84 0.95 19.08
C GLN A 139 -4.03 1.95 17.98
N GLU A 140 -4.97 1.72 17.06
CA GLU A 140 -5.15 2.65 15.94
C GLU A 140 -6.63 2.95 15.79
N TYR A 141 -7.27 3.30 16.90
CA TYR A 141 -8.71 3.44 16.93
C TYR A 141 -9.25 4.33 15.82
N GLN A 142 -8.73 5.54 15.64
CA GLN A 142 -9.42 6.42 14.70
C GLN A 142 -9.29 5.87 13.29
N GLN A 143 -8.13 5.31 12.99
CA GLN A 143 -7.96 4.71 11.67
C GLN A 143 -8.90 3.54 11.48
N PHE A 144 -9.00 2.72 12.53
CA PHE A 144 -9.90 1.62 12.52
C PHE A 144 -11.33 2.11 12.27
N ARG A 145 -11.76 3.13 13.03
CA ARG A 145 -13.11 3.66 12.92
C ARG A 145 -13.35 4.18 11.50
N GLU A 146 -12.42 5.01 11.00
CA GLU A 146 -12.53 5.49 9.61
C GLU A 146 -12.63 4.36 8.59
N ASN A 147 -11.74 3.40 8.66
CA ASN A 147 -11.73 2.36 7.69
C ASN A 147 -13.04 1.63 7.67
N VAL A 148 -13.72 1.52 8.79
CA VAL A 148 -15.02 0.90 8.71
C VAL A 148 -16.00 1.83 8.05
N LEU A 149 -16.15 3.05 8.56
CA LEU A 149 -17.13 4.00 8.01
C LEU A 149 -16.98 4.38 6.53
N ARG A 150 -15.76 4.52 6.02
CA ARG A 150 -15.40 4.68 4.57
CA ARG A 150 -15.66 4.77 4.57
C ARG A 150 -15.85 3.51 3.71
N ASN A 151 -16.16 2.35 4.31
CA ASN A 151 -16.30 1.15 3.49
C ASN A 151 -17.55 0.33 3.66
N LEU A 152 -18.61 0.98 4.15
CA LEU A 152 -19.87 0.29 4.36
C LEU A 152 -20.50 -0.38 3.13
N ALA A 153 -20.02 -0.03 1.94
CA ALA A 153 -20.60 -0.58 0.73
C ALA A 153 -20.05 -1.99 0.54
N ASP A 154 -18.89 -2.25 1.13
CA ASP A 154 -18.31 -3.56 1.00
C ASP A 154 -19.32 -4.66 1.37
N LYS A 155 -19.31 -5.68 0.52
CA LYS A 155 -20.19 -6.79 0.67
C LYS A 155 -20.03 -7.48 2.02
N ALA A 156 -18.92 -7.25 2.71
CA ALA A 156 -18.73 -7.77 4.06
C ALA A 156 -19.83 -7.23 4.93
N PHE A 157 -20.35 -6.05 4.57
CA PHE A 157 -21.32 -5.49 5.47
C PHE A 157 -22.71 -5.93 5.21
N ASP A 158 -22.87 -6.79 4.21
CA ASP A 158 -24.15 -7.43 4.04
C ASP A 158 -24.39 -8.48 5.10
N ARG A 159 -23.35 -8.93 5.80
CA ARG A 159 -23.47 -10.10 6.64
C ARG A 159 -24.02 -9.67 7.99
N PRO A 160 -24.52 -10.63 8.80
CA PRO A 160 -24.85 -10.28 10.17
C PRO A 160 -23.67 -9.64 10.91
N ILE A 161 -24.02 -8.84 11.91
CA ILE A 161 -23.03 -8.02 12.52
C ILE A 161 -22.08 -8.95 13.23
N CYS A 162 -22.63 -10.05 13.79
CA CYS A 162 -21.75 -10.97 14.48
C CYS A 162 -20.71 -11.55 13.52
N GLU A 163 -21.03 -11.73 12.26
CA GLU A 163 -19.99 -12.29 11.34
C GLU A 163 -19.02 -11.22 10.88
N ALA A 164 -19.54 -10.03 10.61
CA ALA A 164 -18.69 -8.92 10.20
C ALA A 164 -17.66 -8.61 11.25
N LEU A 165 -18.01 -8.76 12.54
CA LEU A 165 -17.07 -8.43 13.61
C LEU A 165 -15.81 -9.33 13.59
N LEU A 166 -15.86 -10.47 12.91
CA LEU A 166 -14.70 -11.32 12.87
C LEU A 166 -13.85 -11.04 11.69
N ASP A 167 -14.32 -10.24 10.76
CA ASP A 167 -13.56 -10.00 9.55
C ASP A 167 -12.37 -9.08 9.83
N GLN A 168 -11.16 -9.60 9.65
CA GLN A 168 -9.95 -8.96 10.12
C GLN A 168 -9.52 -7.82 9.19
N ARG A 169 -10.17 -7.72 8.05
CA ARG A 169 -9.97 -6.61 7.13
CA ARG A 169 -9.82 -6.58 7.25
C ARG A 169 -10.51 -5.33 7.75
N PHE A 170 -11.54 -5.46 8.61
CA PHE A 170 -12.17 -4.25 9.27
C PHE A 170 -12.12 -4.23 10.78
N PHE A 171 -12.06 -5.44 11.36
CA PHE A 171 -12.05 -5.63 12.82
C PHE A 171 -10.83 -6.37 13.38
N ASN A 172 -9.67 -5.85 12.99
CA ASN A 172 -8.36 -6.52 13.26
C ASN A 172 -8.16 -6.58 14.74
N GLY A 173 -8.32 -7.76 15.33
CA GLY A 173 -8.19 -7.83 16.78
C GLY A 173 -9.40 -8.42 17.43
N ILE A 174 -10.55 -8.38 16.77
CA ILE A 174 -11.76 -8.87 17.38
C ILE A 174 -11.88 -10.37 17.08
N GLY A 175 -12.19 -11.17 18.12
CA GLY A 175 -12.44 -12.58 17.92
C GLY A 175 -13.74 -13.03 18.54
N ASN A 176 -13.84 -14.33 18.71
CA ASN A 176 -15.09 -14.87 19.11
C ASN A 176 -15.59 -14.41 20.50
N TYR A 177 -14.69 -14.18 21.44
CA TYR A 177 -15.21 -13.80 22.75
C TYR A 177 -15.49 -12.35 22.72
N LEU A 178 -14.60 -11.57 22.11
CA LEU A 178 -14.90 -10.13 22.02
C LEU A 178 -16.19 -9.82 21.26
N ARG A 179 -16.46 -10.51 20.14
CA ARG A 179 -17.73 -10.20 19.47
C ARG A 179 -18.96 -10.42 20.39
N ALA A 180 -18.90 -11.42 21.27
CA ALA A 180 -20.04 -11.64 22.16
C ALA A 180 -20.10 -10.55 23.22
N GLU A 181 -18.95 -10.15 23.76
CA GLU A 181 -18.94 -9.20 24.82
C GLU A 181 -19.34 -7.85 24.29
N ILE A 182 -18.88 -7.55 23.09
CA ILE A 182 -19.19 -6.22 22.53
C ILE A 182 -20.71 -6.08 22.32
N LEU A 183 -21.30 -7.06 21.60
CA LEU A 183 -22.69 -7.01 21.17
C LEU A 183 -23.58 -7.02 22.38
N TYR A 184 -23.08 -7.63 23.41
CA TYR A 184 -23.85 -7.78 24.57
C TYR A 184 -23.91 -6.47 25.36
N ARG A 185 -22.83 -5.70 25.41
CA ARG A 185 -22.92 -4.41 26.09
C ARG A 185 -23.97 -3.50 25.41
N LEU A 186 -24.18 -3.61 24.11
CA LEU A 186 -25.20 -2.77 23.48
C LEU A 186 -26.50 -3.49 23.21
N LYS A 187 -26.57 -4.75 23.62
CA LYS A 187 -27.74 -5.54 23.37
C LYS A 187 -28.09 -5.45 21.90
N ILE A 188 -27.09 -5.49 21.03
CA ILE A 188 -27.43 -5.55 19.63
C ILE A 188 -27.62 -7.00 19.24
N PRO A 189 -28.75 -7.36 18.66
CA PRO A 189 -28.87 -8.74 18.16
C PRO A 189 -27.75 -9.15 17.21
N PRO A 190 -27.18 -10.35 17.40
CA PRO A 190 -26.00 -10.72 16.66
C PRO A 190 -26.28 -10.88 15.19
N PHE A 191 -27.53 -11.13 14.86
CA PHE A 191 -27.89 -11.36 13.47
C PHE A 191 -28.67 -10.21 12.91
N GLU A 192 -28.58 -9.08 13.58
CA GLU A 192 -28.85 -7.86 12.89
C GLU A 192 -27.83 -7.76 11.75
N LYS A 193 -28.24 -7.08 10.68
CA LYS A 193 -27.41 -6.81 9.51
C LYS A 193 -26.37 -5.78 9.87
N ALA A 194 -25.13 -6.05 9.49
CA ALA A 194 -23.99 -5.19 9.85
C ALA A 194 -24.15 -3.77 9.37
N ARG A 195 -24.51 -3.60 8.10
CA ARG A 195 -24.66 -2.27 7.52
C ARG A 195 -25.72 -1.45 8.27
N SER A 196 -26.81 -2.09 8.64
CA SER A 196 -27.86 -1.34 9.34
C SER A 196 -27.33 -0.83 10.65
N VAL A 197 -26.51 -1.59 11.33
CA VAL A 197 -26.09 -1.15 12.65
C VAL A 197 -24.99 -0.12 12.51
N LEU A 198 -24.28 -0.14 11.39
CA LEU A 198 -23.20 0.81 11.14
C LEU A 198 -23.62 1.87 10.13
N GLU A 199 -24.90 1.87 9.76
CA GLU A 199 -25.43 2.82 8.81
C GLU A 199 -26.26 3.90 9.50
N ALA A 200 -26.48 3.73 10.80
CA ALA A 200 -27.26 4.68 11.58
C ALA A 200 -26.45 5.22 12.75
N LEU A 201 -25.14 5.30 12.58
CA LEU A 201 -24.25 5.80 13.62
C LEU A 201 -23.07 6.57 13.03
N GLN A 202 -23.07 6.70 11.70
CA GLN A 202 -22.00 7.41 11.02
C GLN A 202 -21.66 8.73 11.72
N ASN A 222 -23.59 5.53 26.60
CA ASN A 222 -23.71 5.93 25.20
C ASN A 222 -22.51 5.68 24.23
N PRO A 223 -21.60 4.75 24.56
CA PRO A 223 -20.59 4.46 23.51
C PRO A 223 -21.22 3.71 22.31
N ASP A 224 -20.83 3.99 21.07
CA ASP A 224 -21.40 3.20 19.99
C ASP A 224 -20.61 1.93 19.78
N LEU A 225 -21.11 1.10 18.87
CA LEU A 225 -20.51 -0.19 18.58
C LEU A 225 -19.07 -0.08 18.18
N LEU A 226 -18.71 0.95 17.40
CA LEU A 226 -17.31 1.04 17.02
C LEU A 226 -16.44 1.52 18.18
N GLU A 227 -16.97 2.38 19.02
CA GLU A 227 -16.19 2.74 20.18
C GLU A 227 -15.93 1.49 21.10
N LEU A 228 -16.90 0.56 21.20
CA LEU A 228 -16.72 -0.50 22.13
C LEU A 228 -15.72 -1.47 21.56
N CYS A 229 -15.58 -1.53 20.23
CA CYS A 229 -14.58 -2.36 19.63
C CYS A 229 -13.19 -1.96 20.12
N HIS A 230 -13.08 -0.75 20.61
CA HIS A 230 -11.81 -0.38 21.15
C HIS A 230 -11.79 -0.55 22.67
N SER A 231 -12.82 -0.11 23.38
CA SER A 231 -12.74 0.00 24.81
C SER A 231 -12.95 -1.33 25.46
N VAL A 232 -13.75 -2.18 24.84
CA VAL A 232 -13.94 -3.47 25.45
C VAL A 232 -12.64 -4.25 25.42
N PRO A 233 -11.99 -4.41 24.24
CA PRO A 233 -10.68 -5.10 24.33
C PRO A 233 -9.70 -4.35 25.19
N LYS A 234 -9.84 -3.06 25.30
CA LYS A 234 -8.93 -2.38 26.18
C LYS A 234 -9.15 -2.74 27.64
N GLU A 235 -10.36 -3.05 28.04
CA GLU A 235 -10.62 -3.46 29.41
C GLU A 235 -9.86 -4.72 29.76
N VAL A 236 -9.69 -5.60 28.78
CA VAL A 236 -9.05 -6.87 29.00
C VAL A 236 -7.57 -6.67 29.20
N VAL A 237 -7.02 -5.82 28.33
CA VAL A 237 -5.62 -5.45 28.43
C VAL A 237 -5.38 -4.90 29.84
N GLN A 238 -6.35 -4.20 30.35
CA GLN A 238 -6.16 -3.62 31.63
C GLN A 238 -6.35 -4.53 32.78
N LEU A 239 -7.07 -5.64 32.63
CA LEU A 239 -7.06 -6.64 33.71
C LEU A 239 -5.64 -7.15 33.86
N GLY A 240 -4.80 -6.99 32.83
CA GLY A 240 -3.46 -7.60 32.79
C GLY A 240 -3.72 -9.06 32.52
N GLY A 241 -2.75 -9.95 32.77
CA GLY A 241 -3.03 -11.38 32.76
C GLY A 241 -2.88 -12.17 31.45
N ARG A 242 -3.79 -13.13 31.25
CA ARG A 242 -3.68 -14.22 30.22
C ARG A 242 -2.40 -15.11 30.35
N GLY A 243 -2.01 -15.40 31.59
CA GLY A 243 -0.74 -16.06 31.90
C GLY A 243 0.44 -15.31 31.29
N TYR A 244 0.61 -14.05 31.70
CA TYR A 244 1.65 -13.17 31.15
C TYR A 244 2.43 -12.36 32.18
N GLU A 250 -3.38 -20.04 36.61
CA GLU A 250 -4.76 -20.43 36.84
C GLU A 250 -5.54 -19.34 37.62
N GLU A 251 -4.78 -18.44 38.25
CA GLU A 251 -5.34 -17.25 38.94
C GLU A 251 -5.82 -16.14 37.99
N ASP A 252 -5.03 -15.83 36.97
CA ASP A 252 -5.37 -14.75 36.03
C ASP A 252 -6.54 -15.14 35.13
N PHE A 253 -6.70 -16.42 34.88
CA PHE A 253 -7.77 -16.89 34.05
C PHE A 253 -9.11 -16.64 34.79
N ALA A 254 -9.05 -16.58 36.13
CA ALA A 254 -10.24 -16.37 36.91
C ALA A 254 -10.63 -14.92 36.89
N ALA A 255 -9.67 -14.02 36.81
CA ALA A 255 -10.05 -12.63 36.68
C ALA A 255 -10.73 -12.47 35.34
N PHE A 256 -10.21 -13.13 34.32
CA PHE A 256 -10.79 -13.01 32.98
C PHE A 256 -12.20 -13.56 32.98
N ARG A 257 -12.33 -14.74 33.55
CA ARG A 257 -13.62 -15.41 33.64
C ARG A 257 -14.64 -14.52 34.39
N ALA A 258 -14.16 -13.77 35.38
CA ALA A 258 -15.01 -12.90 36.20
C ALA A 258 -15.43 -11.67 35.40
N TRP A 259 -14.63 -11.31 34.38
CA TRP A 259 -14.86 -10.13 33.57
C TRP A 259 -15.90 -10.46 32.45
N LEU A 260 -15.82 -11.67 31.90
CA LEU A 260 -16.76 -12.02 30.84
C LEU A 260 -18.20 -11.90 31.34
N ARG A 261 -19.05 -11.22 30.58
CA ARG A 261 -20.48 -11.19 30.92
C ARG A 261 -21.31 -12.08 30.02
N CYS A 262 -20.81 -12.46 28.85
CA CYS A 262 -21.68 -13.14 27.93
C CYS A 262 -21.10 -14.40 27.39
N TYR A 263 -19.91 -14.29 26.83
CA TYR A 263 -19.31 -15.43 26.14
C TYR A 263 -19.31 -16.66 27.05
N GLY A 264 -19.91 -17.75 26.58
CA GLY A 264 -20.03 -18.97 27.36
C GLY A 264 -20.78 -18.92 28.70
N MET A 265 -21.55 -17.86 29.01
CA MET A 265 -22.05 -17.74 30.38
C MET A 265 -23.40 -18.42 30.62
N PRO A 266 -23.65 -18.90 31.85
CA PRO A 266 -24.98 -19.50 32.09
C PRO A 266 -26.09 -18.46 31.83
N GLY A 267 -27.21 -18.93 31.26
CA GLY A 267 -28.32 -18.06 30.88
C GLY A 267 -28.27 -17.42 29.50
N MET A 268 -27.15 -17.49 28.81
CA MET A 268 -27.01 -16.86 27.50
C MET A 268 -27.47 -17.82 26.44
N SER A 269 -27.89 -17.30 25.29
CA SER A 269 -28.14 -18.20 24.19
C SER A 269 -26.88 -18.28 23.42
N SER A 270 -26.84 -19.22 22.50
CA SER A 270 -25.77 -19.29 21.55
C SER A 270 -26.36 -19.87 20.30
N LEU A 271 -25.69 -19.59 19.19
CA LEU A 271 -26.07 -20.11 17.90
C LEU A 271 -24.78 -20.27 17.12
N GLN A 272 -24.86 -21.10 16.06
CA GLN A 272 -23.75 -21.25 15.07
C GLN A 272 -23.92 -20.22 13.97
N ASP A 273 -22.92 -19.37 13.80
CA ASP A 273 -22.91 -18.54 12.62
C ASP A 273 -22.67 -19.34 11.33
N ARG A 274 -22.61 -18.62 10.23
CA ARG A 274 -22.44 -19.19 8.93
C ARG A 274 -21.16 -20.01 8.80
N HIS A 275 -20.12 -19.64 9.53
N HIS A 275 -20.11 -19.64 9.52
CA HIS A 275 -18.88 -20.39 9.44
CA HIS A 275 -18.90 -20.43 9.39
C HIS A 275 -18.71 -21.33 10.64
C HIS A 275 -18.79 -21.59 10.39
N GLY A 276 -19.83 -21.77 11.19
CA GLY A 276 -19.83 -22.79 12.23
C GLY A 276 -19.25 -22.35 13.55
N ARG A 277 -18.98 -21.06 13.72
CA ARG A 277 -18.51 -20.53 14.99
C ARG A 277 -19.64 -20.06 15.91
N THR A 278 -19.48 -20.33 17.19
CA THR A 278 -20.52 -20.07 18.19
C THR A 278 -20.63 -18.61 18.53
N ILE A 279 -21.83 -18.04 18.43
CA ILE A 279 -22.01 -16.68 18.94
C ILE A 279 -22.88 -16.78 20.18
N TRP A 280 -22.34 -16.29 21.29
CA TRP A 280 -23.06 -16.13 22.55
C TRP A 280 -23.77 -14.80 22.54
N PHE A 281 -24.98 -14.77 23.10
CA PHE A 281 -25.80 -13.55 23.21
C PHE A 281 -26.96 -13.77 24.16
N GLN A 282 -27.71 -12.69 24.31
CA GLN A 282 -28.87 -12.64 25.15
C GLN A 282 -30.04 -12.02 24.40
N GLY A 283 -31.13 -12.76 24.34
CA GLY A 283 -32.37 -12.22 23.83
C GLY A 283 -32.57 -12.49 22.36
N ASP A 284 -32.97 -11.43 21.68
CA ASP A 284 -33.33 -11.49 20.28
C ASP A 284 -32.12 -11.98 19.51
N PRO A 285 -32.29 -13.04 18.71
CA PRO A 285 -31.15 -13.46 17.87
C PRO A 285 -30.96 -12.47 16.74
N GLY A 286 -32.06 -11.86 16.29
CA GLY A 286 -31.97 -10.89 15.23
C GLY A 286 -32.46 -11.47 13.93
N PRO A 287 -32.74 -10.57 12.99
CA PRO A 287 -33.50 -10.93 11.79
C PRO A 287 -32.77 -11.92 10.93
N LEU A 288 -31.45 -11.87 10.83
CA LEU A 288 -30.77 -12.83 9.91
C LEU A 288 -30.41 -14.19 10.53
N ALA A 289 -30.99 -14.51 11.68
CA ALA A 289 -30.72 -15.77 12.33
C ALA A 289 -30.83 -16.97 11.38
N PRO A 290 -30.12 -18.06 11.69
CA PRO A 290 -30.39 -19.26 10.91
C PRO A 290 -31.66 -19.91 11.38
N GLY B 2 6.08 22.27 13.75
CA GLY B 2 7.33 21.58 13.54
C GLY B 2 7.57 20.39 14.42
N GLU B 3 6.58 19.98 15.18
CA GLU B 3 6.74 18.83 16.05
C GLU B 3 6.04 17.62 15.48
N GLY B 4 6.13 16.50 16.18
CA GLY B 4 5.63 15.25 15.69
C GLY B 4 4.32 15.23 14.97
N PRO B 5 3.29 15.81 15.55
CA PRO B 5 1.98 15.79 14.91
C PRO B 5 1.95 16.53 13.61
N GLU B 6 2.75 17.55 13.53
CA GLU B 6 2.79 18.36 12.35
C GLU B 6 3.39 17.60 11.20
N LEU B 7 4.41 16.81 11.48
CA LEU B 7 5.07 16.08 10.40
C LEU B 7 4.06 15.06 9.97
N HIS B 8 3.32 14.52 10.93
CA HIS B 8 2.34 13.50 10.63
C HIS B 8 1.14 14.05 9.79
N LEU B 9 0.54 15.16 10.19
CA LEU B 9 -0.53 15.80 9.37
C LEU B 9 0.00 16.18 7.97
N ALA B 10 1.24 16.66 7.93
CA ALA B 10 1.84 17.03 6.67
C ALA B 10 1.92 15.85 5.68
N SER B 11 2.25 14.65 6.18
CA SER B 11 2.30 13.40 5.39
C SER B 11 0.92 13.00 4.85
N GLN B 12 -0.07 13.07 5.71
CA GLN B 12 -1.42 12.73 5.33
C GLN B 12 -1.80 13.68 4.23
N PHE B 13 -1.49 14.95 4.44
CA PHE B 13 -1.82 15.94 3.46
C PHE B 13 -1.28 15.61 2.06
N VAL B 14 0.00 15.36 1.96
CA VAL B 14 0.58 14.99 0.69
C VAL B 14 -0.03 13.73 0.08
N ASN B 15 -0.19 12.68 0.87
CA ASN B 15 -0.85 11.50 0.35
C ASN B 15 -2.25 11.77 -0.17
N GLU B 16 -3.04 12.53 0.56
CA GLU B 16 -4.37 12.85 0.12
C GLU B 16 -4.35 13.70 -1.13
N ALA B 17 -3.67 14.84 -1.04
CA ALA B 17 -3.77 15.78 -2.13
C ALA B 17 -3.08 15.21 -3.35
N CYS B 18 -2.24 14.21 -3.21
CA CYS B 18 -1.45 13.84 -4.37
C CYS B 18 -1.89 12.56 -4.99
N ARG B 19 -2.90 11.95 -4.38
CA ARG B 19 -3.33 10.62 -4.76
C ARG B 19 -3.55 10.55 -6.26
N ALA B 20 -4.37 11.46 -6.81
CA ALA B 20 -4.76 11.31 -8.20
C ALA B 20 -3.98 12.19 -9.13
N LEU B 21 -2.89 12.76 -8.62
CA LEU B 21 -2.05 13.63 -9.43
C LEU B 21 -0.88 12.88 -9.99
N VAL B 22 -0.39 13.34 -11.12
CA VAL B 22 0.76 12.72 -11.77
C VAL B 22 1.70 13.85 -12.04
N PHE B 23 2.92 13.71 -11.54
CA PHE B 23 3.88 14.76 -11.69
C PHE B 23 4.74 14.49 -12.92
N GLY B 24 5.41 15.53 -13.41
CA GLY B 24 6.23 15.39 -14.61
C GLY B 24 7.34 16.40 -14.50
N GLY B 25 8.49 16.08 -15.11
CA GLY B 25 9.55 17.06 -15.31
C GLY B 25 10.59 17.04 -14.22
N CYS B 26 11.09 18.23 -13.90
CA CYS B 26 12.17 18.39 -12.95
C CYS B 26 11.64 18.68 -11.60
N VAL B 27 12.52 18.56 -10.65
CA VAL B 27 12.20 19.01 -9.33
C VAL B 27 13.00 20.29 -9.06
N GLU B 28 12.29 21.36 -8.77
CA GLU B 28 12.91 22.61 -8.75
C GLU B 28 13.12 23.13 -7.34
N LYS B 29 14.34 23.59 -7.06
CA LYS B 29 14.73 24.28 -5.82
C LYS B 29 14.79 25.82 -6.02
N SER B 30 14.45 26.60 -4.99
CA SER B 30 14.77 28.01 -4.83
C SER B 30 16.16 28.31 -5.19
N SER B 31 16.39 29.56 -5.54
CA SER B 31 17.69 30.05 -5.76
C SER B 31 18.37 30.27 -4.44
N VAL B 32 17.61 30.47 -3.40
CA VAL B 32 18.23 30.76 -2.12
C VAL B 32 18.54 29.55 -1.19
N SER B 33 17.92 28.38 -1.44
CA SER B 33 18.01 27.26 -0.51
C SER B 33 19.34 26.58 -0.61
N ARG B 34 19.97 26.28 0.52
CA ARG B 34 21.29 25.61 0.51
C ARG B 34 21.08 24.12 0.60
N ASN B 35 19.86 23.64 0.58
CA ASN B 35 19.69 22.20 0.51
C ASN B 35 20.03 21.62 -0.86
N PRO B 36 20.24 20.31 -0.99
CA PRO B 36 20.69 19.75 -2.27
C PRO B 36 19.66 19.82 -3.37
N GLU B 37 20.15 20.02 -4.57
CA GLU B 37 19.44 19.75 -5.81
C GLU B 37 18.97 18.33 -5.82
N VAL B 38 17.74 18.16 -6.25
CA VAL B 38 17.17 16.83 -6.38
C VAL B 38 17.37 16.42 -7.83
N PRO B 39 18.25 15.46 -8.07
CA PRO B 39 18.57 15.18 -9.47
C PRO B 39 17.56 14.15 -9.94
N PHE B 40 16.38 14.61 -10.29
CA PHE B 40 15.34 13.68 -10.62
C PHE B 40 14.51 14.27 -11.72
N GLU B 41 14.36 13.49 -12.79
CA GLU B 41 13.60 13.94 -13.92
C GLU B 41 12.79 12.78 -14.43
N SER B 42 11.48 12.98 -14.58
CA SER B 42 10.61 11.94 -15.11
C SER B 42 9.38 12.55 -15.75
N SER B 43 9.00 11.98 -16.89
CA SER B 43 7.82 12.36 -17.68
C SER B 43 6.49 12.13 -16.94
N ALA B 44 6.44 11.05 -16.15
CA ALA B 44 5.31 10.74 -15.26
C ALA B 44 5.74 10.04 -13.95
N TYR B 45 5.49 10.66 -12.81
CA TYR B 45 5.77 9.98 -11.52
C TYR B 45 4.80 10.39 -10.42
N ARG B 46 4.64 9.53 -9.42
CA ARG B 46 3.71 9.81 -8.33
C ARG B 46 4.55 10.07 -7.12
N ILE B 47 3.96 10.85 -6.22
CA ILE B 47 4.62 11.21 -4.99
C ILE B 47 3.78 10.68 -3.85
N SER B 48 4.38 9.99 -2.87
CA SER B 48 3.70 9.71 -1.61
C SER B 48 4.61 9.99 -0.41
N ALA B 49 4.05 9.86 0.77
CA ALA B 49 4.65 10.39 1.98
C ALA B 49 4.37 9.48 3.16
N SER B 50 5.33 9.39 4.05
CA SER B 50 5.01 8.92 5.39
C SER B 50 5.90 9.70 6.35
N ALA B 51 5.55 9.67 7.62
CA ALA B 51 6.25 10.46 8.58
C ALA B 51 6.75 9.53 9.63
N ARG B 52 7.84 9.90 10.29
CA ARG B 52 8.33 9.13 11.41
C ARG B 52 8.99 10.12 12.39
N GLY B 53 8.38 10.29 13.59
CA GLY B 53 8.92 11.29 14.52
C GLY B 53 8.91 12.65 13.83
N LYS B 54 10.05 13.34 13.90
CA LYS B 54 10.11 14.67 13.39
C LYS B 54 10.68 14.68 11.99
N GLU B 55 10.52 13.60 11.23
CA GLU B 55 10.98 13.54 9.86
C GLU B 55 9.83 13.11 8.98
N LEU B 56 9.89 13.50 7.72
CA LEU B 56 8.91 13.06 6.75
C LEU B 56 9.60 12.54 5.51
N ARG B 57 9.13 11.41 4.97
CA ARG B 57 9.72 10.86 3.75
C ARG B 57 8.81 10.99 2.55
N LEU B 58 9.27 11.63 1.48
CA LEU B 58 8.55 11.60 0.25
C LEU B 58 9.20 10.62 -0.70
N ILE B 59 8.37 9.87 -1.43
CA ILE B 59 8.88 8.99 -2.44
C ILE B 59 8.36 9.39 -3.81
N LEU B 60 9.30 9.56 -4.71
CA LEU B 60 9.03 9.95 -6.09
C LEU B 60 9.11 8.67 -6.93
N SER B 61 7.96 8.20 -7.41
CA SER B 61 7.80 6.91 -8.05
C SER B 61 7.38 7.08 -9.53
N PRO B 62 8.34 6.90 -10.47
CA PRO B 62 7.91 6.94 -11.87
C PRO B 62 6.92 5.83 -12.23
N LEU B 63 5.91 6.23 -13.01
CA LEU B 63 5.02 5.32 -13.70
C LEU B 63 5.79 4.34 -14.60
N PRO B 64 5.25 3.10 -14.75
CA PRO B 64 5.84 2.19 -15.70
C PRO B 64 6.02 2.90 -17.04
N GLY B 65 7.20 2.77 -17.63
CA GLY B 65 7.45 3.30 -18.95
C GLY B 65 7.91 4.74 -19.01
N ALA B 66 7.68 5.49 -17.95
CA ALA B 66 8.06 6.88 -17.93
C ALA B 66 9.51 6.99 -18.31
N GLN B 67 9.92 8.16 -18.73
CA GLN B 67 11.30 8.34 -19.13
C GLN B 67 11.79 9.72 -18.70
N PRO B 68 13.17 10.00 -18.58
CA PRO B 68 14.06 8.86 -18.78
C PRO B 68 13.75 7.82 -17.75
N GLN B 69 14.34 6.66 -17.88
CA GLN B 69 14.13 5.55 -16.98
C GLN B 69 14.64 5.90 -15.62
N GLN B 70 13.87 5.55 -14.60
CA GLN B 70 14.21 5.88 -13.22
C GLN B 70 13.70 4.79 -12.31
N GLU B 71 14.45 4.51 -11.27
CA GLU B 71 13.95 3.73 -10.17
C GLU B 71 13.48 4.81 -9.22
N PRO B 72 12.51 4.53 -8.38
CA PRO B 72 11.99 5.64 -7.56
C PRO B 72 13.08 6.39 -6.80
N LEU B 73 12.78 7.62 -6.34
CA LEU B 73 13.70 8.35 -5.48
C LEU B 73 13.01 8.78 -4.19
N ALA B 74 13.72 8.60 -3.06
CA ALA B 74 13.22 9.02 -1.73
C ALA B 74 13.98 10.24 -1.22
N LEU B 75 13.25 11.10 -0.50
CA LEU B 75 13.80 12.28 0.15
C LEU B 75 13.24 12.31 1.52
N VAL B 76 14.05 12.75 2.47
CA VAL B 76 13.58 12.88 3.80
C VAL B 76 13.75 14.31 4.20
N PHE B 77 12.72 14.82 4.85
CA PHE B 77 12.59 16.20 5.26
C PHE B 77 12.55 16.30 6.75
N ARG B 78 13.26 17.33 7.23
CA ARG B 78 13.06 17.89 8.57
C ARG B 78 12.63 19.36 8.43
N PHE B 79 11.59 19.69 9.14
CA PHE B 79 10.92 20.99 9.02
C PHE B 79 11.54 22.12 9.75
N GLY B 80 12.45 21.92 10.71
CA GLY B 80 12.99 23.11 11.40
C GLY B 80 11.84 23.80 12.08
N MET B 81 11.92 25.08 12.31
CA MET B 81 10.85 25.82 13.00
C MET B 81 9.68 26.26 12.13
N SER B 82 9.82 26.27 10.81
CA SER B 82 8.81 26.96 9.98
C SER B 82 8.51 26.28 8.65
N GLY B 83 8.50 24.96 8.60
CA GLY B 83 8.37 24.23 7.33
C GLY B 83 6.97 23.68 7.15
N SER B 84 6.58 23.31 5.92
CA SER B 84 5.26 22.77 5.66
C SER B 84 5.22 22.33 4.23
N PHE B 85 4.20 21.60 3.83
CA PHE B 85 3.95 21.44 2.42
C PHE B 85 2.70 22.16 2.00
N GLN B 86 2.72 22.74 0.80
CA GLN B 86 1.48 23.27 0.20
C GLN B 86 1.32 22.84 -1.23
N LEU B 87 0.07 22.63 -1.62
CA LEU B 87 -0.22 22.29 -3.02
C LEU B 87 -0.89 23.51 -3.61
N VAL B 88 -0.27 24.12 -4.63
CA VAL B 88 -0.69 25.40 -5.15
C VAL B 88 -0.73 25.48 -6.69
N PRO B 89 -1.32 26.53 -7.20
CA PRO B 89 -1.31 26.68 -8.66
C PRO B 89 0.06 27.12 -9.09
N ARG B 90 0.56 26.48 -10.15
CA ARG B 90 1.93 26.62 -10.60
C ARG B 90 2.31 28.08 -10.74
N GLU B 91 1.33 28.90 -11.13
CA GLU B 91 1.57 30.34 -11.26
C GLU B 91 1.48 31.13 -9.95
N GLU B 92 1.29 30.46 -8.84
CA GLU B 92 1.15 31.16 -7.58
C GLU B 92 1.87 30.43 -6.47
N LEU B 93 3.19 30.45 -6.52
CA LEU B 93 4.07 29.97 -5.42
C LEU B 93 4.01 30.95 -4.27
N PRO B 94 3.87 30.46 -3.06
CA PRO B 94 4.07 31.31 -1.87
C PRO B 94 5.52 31.71 -1.82
N ARG B 95 5.85 32.77 -1.10
CA ARG B 95 7.26 32.96 -0.92
C ARG B 95 7.78 31.82 -0.05
N HIS B 96 9.06 31.57 -0.20
CA HIS B 96 9.75 30.64 0.60
C HIS B 96 9.31 29.25 0.22
N ALA B 97 8.89 29.12 -1.03
CA ALA B 97 8.71 27.77 -1.58
C ALA B 97 10.07 27.35 -2.09
N HIS B 98 10.75 26.53 -1.29
CA HIS B 98 12.11 26.16 -1.55
C HIS B 98 12.32 24.93 -2.37
N LEU B 99 11.29 24.07 -2.39
CA LEU B 99 11.32 22.88 -3.24
C LEU B 99 9.94 22.67 -3.86
N ARG B 100 9.90 22.49 -5.18
CA ARG B 100 8.66 22.51 -5.97
C ARG B 100 8.58 21.27 -6.88
N PHE B 101 7.44 20.56 -6.85
CA PHE B 101 7.12 19.41 -7.74
C PHE B 101 5.91 19.80 -8.57
N TYR B 102 5.98 19.55 -9.88
CA TYR B 102 5.01 20.08 -10.81
C TYR B 102 4.18 19.02 -11.47
N THR B 103 2.86 19.16 -11.43
CA THR B 103 2.05 18.16 -12.14
C THR B 103 2.39 18.13 -13.63
N ALA B 104 2.30 16.94 -14.24
CA ALA B 104 2.57 16.68 -15.68
C ALA B 104 1.46 17.25 -16.53
N PRO B 105 1.71 17.37 -17.86
CA PRO B 105 1.26 18.49 -18.69
C PRO B 105 -0.23 18.83 -18.74
N PRO B 106 -1.14 17.82 -18.86
CA PRO B 106 -2.50 18.33 -19.11
C PRO B 106 -3.34 18.42 -17.83
N GLY B 107 -4.37 19.29 -17.84
CA GLY B 107 -5.20 19.59 -16.66
C GLY B 107 -4.58 20.66 -15.76
N PRO B 108 -5.32 21.14 -14.71
CA PRO B 108 -4.76 22.15 -13.79
C PRO B 108 -3.32 21.86 -13.34
N ARG B 109 -2.50 22.89 -13.47
CA ARG B 109 -1.08 22.76 -13.39
C ARG B 109 -0.69 23.24 -12.03
N LEU B 110 -0.28 22.28 -11.23
CA LEU B 110 -0.05 22.48 -9.83
C LEU B 110 1.37 22.30 -9.45
N ALA B 111 1.70 22.92 -8.32
CA ALA B 111 3.00 22.76 -7.64
C ALA B 111 2.82 22.30 -6.19
N LEU B 112 3.45 21.17 -5.86
CA LEU B 112 3.53 20.70 -4.47
C LEU B 112 4.80 21.36 -4.02
N CYS B 113 4.70 22.23 -3.01
CA CYS B 113 5.84 22.98 -2.48
C CYS B 113 6.23 22.64 -1.06
N PHE B 114 7.52 22.56 -0.82
CA PHE B 114 7.96 22.58 0.58
C PHE B 114 8.29 24.00 0.87
N VAL B 115 7.59 24.58 1.84
CA VAL B 115 7.67 26.01 2.12
C VAL B 115 8.30 26.09 3.45
N ASP B 116 9.27 26.99 3.56
CA ASP B 116 10.05 27.12 4.78
C ASP B 116 10.59 28.49 5.01
N ILE B 117 9.91 29.22 5.86
CA ILE B 117 10.13 30.64 6.00
C ILE B 117 11.53 30.83 6.50
N ARG B 118 11.88 30.22 7.62
CA ARG B 118 13.15 30.56 8.25
C ARG B 118 14.32 29.74 7.70
N ARG B 119 14.03 28.68 6.97
CA ARG B 119 15.06 27.95 6.29
C ARG B 119 15.91 27.04 7.21
N PHE B 120 15.42 26.75 8.39
CA PHE B 120 16.03 25.81 9.29
C PHE B 120 15.76 24.36 8.85
N GLY B 121 14.88 24.11 7.89
CA GLY B 121 14.62 22.70 7.58
C GLY B 121 15.62 22.24 6.56
N ARG B 122 15.58 20.96 6.25
CA ARG B 122 16.63 20.31 5.48
C ARG B 122 15.96 19.20 4.81
N TRP B 123 16.48 18.80 3.65
CA TRP B 123 16.14 17.49 3.13
C TRP B 123 17.41 16.82 2.69
N ASP B 124 17.35 15.49 2.54
CA ASP B 124 18.49 14.66 2.09
C ASP B 124 18.00 13.68 1.09
N LEU B 125 18.86 13.48 0.10
CA LEU B 125 18.69 12.45 -0.90
C LEU B 125 18.89 11.13 -0.21
N GLY B 126 18.03 10.18 -0.50
CA GLY B 126 18.18 8.92 0.18
C GLY B 126 16.93 8.68 0.96
N GLY B 127 16.58 7.42 1.06
CA GLY B 127 15.40 7.04 1.82
C GLY B 127 15.49 7.18 3.32
N LYS B 128 16.70 7.25 3.88
CA LYS B 128 16.89 6.78 5.24
C LYS B 128 16.49 7.75 6.36
N TRP B 129 15.77 7.25 7.38
CA TRP B 129 15.58 8.03 8.56
C TRP B 129 16.93 8.35 9.18
N GLN B 130 16.98 9.44 9.92
CA GLN B 130 18.23 9.82 10.48
C GLN B 130 18.75 8.75 11.45
N PRO B 131 19.98 8.29 11.25
CA PRO B 131 20.51 7.24 12.16
C PRO B 131 20.49 7.80 13.56
N GLY B 132 20.10 7.02 14.54
CA GLY B 132 20.13 7.62 15.86
C GLY B 132 18.79 8.15 16.38
N ARG B 133 17.87 8.54 15.48
CA ARG B 133 16.53 8.86 15.95
C ARG B 133 15.84 7.59 16.47
N GLY B 134 15.14 7.74 17.58
CA GLY B 134 14.42 6.63 18.18
C GLY B 134 13.11 6.43 17.44
N PRO B 135 12.30 5.49 17.88
CA PRO B 135 11.07 5.19 17.16
C PRO B 135 10.06 6.28 17.26
N CYS B 136 9.16 6.31 16.31
CA CYS B 136 8.18 7.38 16.31
C CYS B 136 7.21 7.27 17.48
N VAL B 137 7.09 8.31 18.30
CA VAL B 137 6.19 8.24 19.43
C VAL B 137 4.74 8.12 18.95
N LEU B 138 4.45 8.60 17.74
CA LEU B 138 3.08 8.40 17.28
C LEU B 138 2.83 6.98 16.72
N GLN B 139 3.70 6.47 15.86
CA GLN B 139 3.38 5.29 15.11
C GLN B 139 4.13 4.06 15.56
N GLU B 140 5.10 4.25 16.45
CA GLU B 140 5.82 3.12 16.96
C GLU B 140 5.83 3.18 18.50
N TYR B 141 4.65 3.32 19.11
CA TYR B 141 4.61 3.53 20.53
C TYR B 141 5.36 2.47 21.33
N GLN B 142 5.10 1.21 21.04
CA GLN B 142 5.63 0.17 21.95
C GLN B 142 7.11 0.13 21.80
N GLN B 143 7.59 0.35 20.59
CA GLN B 143 9.03 0.29 20.38
C GLN B 143 9.63 1.55 21.03
N PHE B 144 8.97 2.69 20.91
CA PHE B 144 9.50 3.92 21.47
C PHE B 144 9.58 3.68 23.00
N ARG B 145 8.46 3.19 23.55
CA ARG B 145 8.39 2.95 24.96
C ARG B 145 9.54 2.11 25.46
N GLU B 146 9.74 0.99 24.79
CA GLU B 146 10.68 0.03 25.25
C GLU B 146 12.08 0.58 25.01
N ASN B 147 12.31 1.26 23.92
CA ASN B 147 13.61 1.86 23.71
C ASN B 147 13.96 2.83 24.79
N VAL B 148 12.99 3.51 25.34
CA VAL B 148 13.28 4.31 26.54
C VAL B 148 13.64 3.47 27.79
N LEU B 149 12.71 2.64 28.21
CA LEU B 149 12.89 1.90 29.46
C LEU B 149 14.07 0.96 29.42
N ARG B 150 14.46 0.55 28.24
CA ARG B 150 15.50 -0.44 28.15
C ARG B 150 16.87 0.31 28.16
N ASN B 151 16.88 1.64 28.08
CA ASN B 151 18.14 2.40 28.10
C ASN B 151 18.13 3.53 29.12
N LEU B 152 17.33 3.39 30.18
CA LEU B 152 17.39 4.36 31.26
C LEU B 152 18.80 4.70 31.74
N ALA B 153 19.78 3.83 31.50
CA ALA B 153 21.16 4.05 31.95
C ALA B 153 21.85 5.18 31.21
N ASP B 154 21.51 5.36 29.93
CA ASP B 154 22.16 6.35 29.05
C ASP B 154 22.43 7.70 29.71
N LYS B 155 23.60 8.27 29.37
CA LYS B 155 23.96 9.57 29.91
C LYS B 155 22.84 10.56 29.65
N ALA B 156 22.03 10.28 28.63
CA ALA B 156 20.97 11.17 28.27
C ALA B 156 19.88 11.38 29.32
N PHE B 157 19.71 10.42 30.25
CA PHE B 157 18.65 10.55 31.25
C PHE B 157 19.15 11.17 32.54
N ASP B 158 20.41 11.61 32.49
CA ASP B 158 20.99 12.40 33.56
C ASP B 158 20.30 13.74 33.59
N ARG B 159 19.96 14.27 32.44
CA ARG B 159 19.44 15.62 32.38
C ARG B 159 18.01 15.75 32.91
N PRO B 160 17.58 16.98 33.19
CA PRO B 160 16.18 17.29 33.48
C PRO B 160 15.21 16.70 32.48
N ILE B 161 14.08 16.29 33.02
CA ILE B 161 13.19 15.57 32.22
C ILE B 161 12.82 16.45 31.04
N CYS B 162 12.73 17.76 31.28
CA CYS B 162 12.24 18.65 30.26
C CYS B 162 13.21 18.72 29.08
N GLU B 163 14.50 18.61 29.39
CA GLU B 163 15.49 18.58 28.33
C GLU B 163 15.50 17.23 27.67
N ALA B 164 15.39 16.18 28.47
CA ALA B 164 15.46 14.82 27.95
C ALA B 164 14.36 14.56 26.95
N LEU B 165 13.20 15.16 27.16
CA LEU B 165 12.07 15.01 26.27
C LEU B 165 12.27 15.59 24.89
N LEU B 166 13.27 16.46 24.74
CA LEU B 166 13.63 17.04 23.45
C LEU B 166 14.69 16.14 22.75
N ASP B 167 15.13 15.08 23.40
CA ASP B 167 16.16 14.31 22.78
C ASP B 167 15.62 13.37 21.72
N GLN B 168 15.81 13.69 20.45
CA GLN B 168 15.28 12.82 19.38
C GLN B 168 15.81 11.37 19.36
N ARG B 169 16.79 11.03 20.19
CA ARG B 169 17.21 9.58 20.22
C ARG B 169 16.18 8.74 20.94
N PHE B 170 15.40 9.39 21.80
CA PHE B 170 14.49 8.68 22.64
C PHE B 170 13.08 9.16 22.57
N PHE B 171 12.87 10.38 22.05
CA PHE B 171 11.52 10.94 21.93
C PHE B 171 11.31 11.60 20.59
N ASN B 172 11.63 10.82 19.57
CA ASN B 172 11.59 11.27 18.22
C ASN B 172 10.17 11.76 17.96
N GLY B 173 10.03 13.06 17.77
CA GLY B 173 8.73 13.63 17.50
C GLY B 173 8.34 14.63 18.57
N ILE B 174 9.02 14.62 19.70
CA ILE B 174 8.58 15.52 20.76
C ILE B 174 9.32 16.83 20.64
N GLY B 175 8.63 17.94 20.81
CA GLY B 175 9.32 19.20 20.83
C GLY B 175 8.82 20.12 21.91
N ASN B 176 9.08 21.40 21.70
CA ASN B 176 9.00 22.30 22.83
C ASN B 176 7.60 22.55 23.29
N TYR B 177 6.63 22.59 22.36
CA TYR B 177 5.25 22.62 22.86
C TYR B 177 4.80 21.30 23.49
N LEU B 178 5.31 20.17 23.01
CA LEU B 178 4.80 18.92 23.53
C LEU B 178 5.35 18.73 24.87
N ARG B 179 6.60 19.08 25.10
CA ARG B 179 7.13 18.81 26.42
C ARG B 179 6.35 19.62 27.47
N ALA B 180 5.95 20.83 27.11
CA ALA B 180 5.18 21.63 28.05
C ALA B 180 3.80 21.00 28.28
N GLU B 181 3.10 20.63 27.23
CA GLU B 181 1.81 20.06 27.43
C GLU B 181 1.88 18.76 28.25
N ILE B 182 2.83 17.89 27.92
CA ILE B 182 2.95 16.57 28.55
C ILE B 182 3.23 16.71 30.04
N LEU B 183 4.25 17.48 30.41
CA LEU B 183 4.64 17.52 31.83
C LEU B 183 3.57 18.13 32.69
N TYR B 184 2.89 19.09 32.10
CA TYR B 184 1.81 19.78 32.76
C TYR B 184 0.77 18.74 33.17
N ARG B 185 0.40 17.85 32.27
CA ARG B 185 -0.59 16.82 32.58
C ARG B 185 -0.22 15.93 33.73
N LEU B 186 1.06 15.72 33.98
CA LEU B 186 1.43 14.91 35.13
C LEU B 186 1.98 15.77 36.24
N LYS B 187 1.87 17.08 36.05
CA LYS B 187 2.25 17.99 37.11
C LYS B 187 3.68 17.74 37.59
N ILE B 188 4.50 17.21 36.71
CA ILE B 188 5.88 16.94 37.03
C ILE B 188 6.69 18.23 36.89
N PRO B 189 7.52 18.51 37.90
CA PRO B 189 8.54 19.56 37.84
C PRO B 189 9.48 19.31 36.64
N PRO B 190 9.55 20.28 35.74
CA PRO B 190 10.29 20.13 34.49
C PRO B 190 11.78 19.87 34.73
N PHE B 191 12.21 20.23 35.93
CA PHE B 191 13.59 20.08 36.24
C PHE B 191 13.82 19.02 37.26
N GLU B 192 12.94 18.03 37.26
CA GLU B 192 13.21 16.77 37.87
C GLU B 192 14.21 16.07 36.98
N LYS B 193 15.04 15.18 37.54
CA LYS B 193 15.93 14.34 36.76
C LYS B 193 15.12 13.33 35.96
N ALA B 194 15.37 13.28 34.65
CA ALA B 194 14.67 12.32 33.77
C ALA B 194 14.67 10.89 34.37
N ARG B 195 15.83 10.33 34.61
CA ARG B 195 15.85 8.98 35.13
C ARG B 195 14.94 8.76 36.39
N SER B 196 15.01 9.65 37.36
CA SER B 196 14.09 9.61 38.49
C SER B 196 12.61 9.61 38.11
N VAL B 197 12.23 10.43 37.17
CA VAL B 197 10.86 10.40 36.75
C VAL B 197 10.59 9.05 36.15
N LEU B 198 11.62 8.47 35.57
CA LEU B 198 11.44 7.30 34.77
C LEU B 198 11.62 6.03 35.56
N GLU B 199 10.79 5.89 36.54
CA GLU B 199 10.63 4.67 37.32
C GLU B 199 9.34 4.98 38.06
N ALA B 200 8.39 4.06 38.04
CA ALA B 200 8.60 2.70 37.65
C ALA B 200 8.77 2.49 36.18
N LEU B 201 9.66 1.57 35.88
CA LEU B 201 9.84 1.02 34.59
C LEU B 201 8.57 0.34 34.17
N ASN B 222 -5.36 7.93 34.92
CA ASN B 222 -4.06 7.42 35.42
C ASN B 222 -2.86 7.19 34.39
N PRO B 223 -2.94 7.70 33.13
CA PRO B 223 -1.81 7.54 32.17
C PRO B 223 -0.47 8.10 32.66
N ASP B 224 0.58 7.36 32.27
CA ASP B 224 2.05 7.52 32.32
C ASP B 224 2.72 8.71 31.66
N LEU B 225 4.00 8.91 31.92
CA LEU B 225 4.75 9.88 31.20
C LEU B 225 4.90 9.47 29.73
N LEU B 226 5.46 8.28 29.58
CA LEU B 226 5.70 7.71 28.31
C LEU B 226 4.44 7.44 27.58
N GLU B 227 3.35 7.26 28.27
CA GLU B 227 2.14 6.98 27.56
C GLU B 227 1.62 8.33 27.04
N LEU B 228 1.80 9.38 27.83
CA LEU B 228 1.46 10.71 27.41
C LEU B 228 2.29 11.17 26.20
N CYS B 229 3.53 10.70 26.12
CA CYS B 229 4.37 10.99 24.99
C CYS B 229 3.75 10.55 23.70
N HIS B 230 2.93 9.52 23.78
CA HIS B 230 2.24 9.08 22.59
C HIS B 230 0.84 9.71 22.43
N SER B 231 0.11 9.79 23.54
CA SER B 231 -1.31 10.14 23.44
C SER B 231 -1.55 11.65 23.34
N VAL B 232 -0.67 12.43 23.96
CA VAL B 232 -0.83 13.86 23.82
C VAL B 232 -0.68 14.30 22.35
N PRO B 233 0.43 13.94 21.73
CA PRO B 233 0.51 14.22 20.30
C PRO B 233 -0.58 13.56 19.50
N LYS B 234 -1.05 12.40 19.89
CA LYS B 234 -2.19 11.85 19.12
C LYS B 234 -3.42 12.79 19.13
N GLU B 235 -3.60 13.49 20.25
CA GLU B 235 -4.65 14.48 20.37
C GLU B 235 -4.53 15.58 19.33
N VAL B 236 -3.33 16.10 19.19
CA VAL B 236 -3.17 17.19 18.29
C VAL B 236 -3.50 16.70 16.90
N VAL B 237 -3.14 15.47 16.60
CA VAL B 237 -3.33 14.95 15.26
C VAL B 237 -4.81 14.83 14.98
N GLN B 238 -5.57 14.61 16.05
CA GLN B 238 -6.95 14.20 15.91
C GLN B 238 -7.90 15.41 15.68
N LEU B 239 -7.43 16.59 16.08
CA LEU B 239 -8.01 17.85 15.65
C LEU B 239 -8.10 17.88 14.13
N GLY B 240 -6.99 17.58 13.47
CA GLY B 240 -6.94 17.57 12.01
C GLY B 240 -5.66 18.19 11.47
N GLY B 241 -5.71 18.61 10.22
CA GLY B 241 -4.54 19.22 9.58
C GLY B 241 -4.34 20.66 10.00
N ARG B 242 -4.98 21.04 11.11
CA ARG B 242 -4.88 22.41 11.61
C ARG B 242 -5.03 23.43 10.49
N GLY B 243 -5.62 23.00 9.38
CA GLY B 243 -5.82 23.87 8.24
C GLY B 243 -5.14 23.36 6.99
N TYR B 244 -4.57 22.16 7.08
CA TYR B 244 -3.88 21.55 5.94
C TYR B 244 -4.86 21.17 4.83
N ASP B 252 -8.01 24.14 12.12
CA ASP B 252 -7.43 25.47 12.11
C ASP B 252 -6.55 25.70 13.34
N PHE B 253 -5.80 26.78 13.30
CA PHE B 253 -4.90 27.12 14.38
C PHE B 253 -5.71 27.54 15.58
N ALA B 254 -6.94 27.92 15.34
CA ALA B 254 -7.79 28.34 16.41
C ALA B 254 -7.94 27.15 17.31
N ALA B 255 -8.32 26.05 16.71
CA ALA B 255 -8.46 24.80 17.43
C ALA B 255 -7.21 24.50 18.21
N PHE B 256 -6.06 24.65 17.57
CA PHE B 256 -4.83 24.32 18.24
C PHE B 256 -4.54 25.24 19.40
N ARG B 257 -4.78 26.52 19.21
CA ARG B 257 -4.62 27.48 20.30
C ARG B 257 -5.48 27.07 21.51
N ALA B 258 -6.72 26.67 21.26
CA ALA B 258 -7.69 26.34 22.32
C ALA B 258 -7.42 25.00 23.01
N TRP B 259 -6.75 24.10 22.29
CA TRP B 259 -6.32 22.84 22.84
C TRP B 259 -5.19 23.07 23.81
N LEU B 260 -4.34 24.05 23.54
CA LEU B 260 -3.17 24.19 24.37
C LEU B 260 -3.68 24.40 25.74
N ARG B 261 -3.10 23.70 26.70
CA ARG B 261 -3.43 23.97 28.08
C ARG B 261 -2.33 24.68 28.84
N CYS B 262 -1.10 24.69 28.31
CA CYS B 262 -0.01 25.19 29.13
C CYS B 262 0.95 26.08 28.34
N TYR B 263 1.42 25.58 27.21
CA TYR B 263 2.44 26.25 26.45
C TYR B 263 2.01 27.66 26.02
N GLY B 264 2.74 28.68 26.47
CA GLY B 264 2.38 30.06 26.22
C GLY B 264 1.05 30.48 26.83
N MET B 265 0.56 29.75 27.83
CA MET B 265 -0.70 30.12 28.49
C MET B 265 -0.55 31.26 29.52
N PRO B 266 -1.53 32.18 29.57
CA PRO B 266 -1.47 33.25 30.57
C PRO B 266 -1.32 32.67 31.99
N GLY B 267 -0.43 33.27 32.79
CA GLY B 267 -0.17 32.84 34.17
C GLY B 267 0.41 31.45 34.33
N MET B 268 1.37 31.13 33.48
CA MET B 268 2.14 29.89 33.58
C MET B 268 3.59 30.31 33.70
N SER B 269 4.37 29.60 34.50
CA SER B 269 5.78 29.93 34.63
C SER B 269 6.56 29.40 33.43
N SER B 270 7.66 30.07 33.13
CA SER B 270 8.57 29.62 32.09
C SER B 270 10.01 29.96 32.46
N LEU B 271 10.93 29.07 32.10
CA LEU B 271 12.34 29.30 32.29
C LEU B 271 13.07 28.79 31.07
N GLN B 272 14.36 29.11 31.03
CA GLN B 272 15.27 28.63 29.98
C GLN B 272 15.92 27.37 30.46
N ASP B 273 16.00 26.37 29.59
CA ASP B 273 16.75 25.16 29.90
C ASP B 273 18.18 25.42 29.52
N ARG B 274 19.04 24.41 29.61
CA ARG B 274 20.45 24.71 29.46
C ARG B 274 20.80 24.98 28.02
N HIS B 275 19.82 24.97 27.12
CA HIS B 275 20.13 25.32 25.74
C HIS B 275 19.33 26.52 25.24
N GLY B 276 18.90 27.35 26.16
CA GLY B 276 18.12 28.54 25.84
C GLY B 276 16.74 28.28 25.25
N ARG B 277 16.18 27.10 25.46
CA ARG B 277 14.80 26.90 25.04
C ARG B 277 13.86 27.05 26.20
N THR B 278 12.71 27.67 25.93
CA THR B 278 11.74 28.05 26.95
C THR B 278 10.72 26.96 27.28
N ILE B 279 10.65 26.58 28.56
CA ILE B 279 9.71 25.55 29.02
C ILE B 279 8.56 26.20 29.81
N TRP B 280 7.34 25.76 29.53
CA TRP B 280 6.15 26.34 30.07
C TRP B 280 5.50 25.39 31.06
N PHE B 281 5.25 25.89 32.26
CA PHE B 281 4.75 25.06 33.33
C PHE B 281 3.94 25.86 34.37
N GLN B 282 3.39 25.10 35.30
CA GLN B 282 2.67 25.63 36.40
C GLN B 282 3.38 25.12 37.64
N GLY B 283 3.71 26.05 38.54
CA GLY B 283 4.20 25.68 39.85
C GLY B 283 5.69 25.48 39.99
N ASP B 284 6.05 24.34 40.60
CA ASP B 284 7.42 23.99 40.97
C ASP B 284 8.27 23.67 39.77
N PRO B 285 9.38 24.43 39.61
CA PRO B 285 10.36 24.26 38.52
C PRO B 285 11.07 22.92 38.59
N GLY B 286 11.30 22.40 39.79
CA GLY B 286 12.08 21.17 40.00
C GLY B 286 13.50 21.47 40.40
N PRO B 287 14.26 20.44 40.86
CA PRO B 287 15.62 20.58 41.37
C PRO B 287 16.63 21.25 40.45
N LEU B 288 16.71 20.77 39.21
CA LEU B 288 17.89 21.01 38.40
C LEU B 288 17.83 22.28 37.53
N ALA B 289 17.26 23.37 38.02
CA ALA B 289 17.02 24.53 37.16
C ALA B 289 18.21 25.49 37.11
N PRO B 290 18.43 26.18 35.97
CA PRO B 290 19.51 27.17 35.93
C PRO B 290 19.20 28.37 36.81
N GLY C 2 -6.42 -7.66 -27.64
CA GLY C 2 -5.59 -6.47 -27.31
C GLY C 2 -5.89 -5.33 -28.27
N GLU C 3 -5.19 -4.21 -28.10
CA GLU C 3 -5.46 -3.01 -28.91
C GLU C 3 -4.19 -2.63 -29.68
N GLY C 4 -4.20 -1.46 -30.34
CA GLY C 4 -3.04 -0.98 -31.11
C GLY C 4 -1.67 -1.39 -30.55
N PRO C 5 -1.42 -1.06 -29.29
CA PRO C 5 -0.13 -1.31 -28.70
C PRO C 5 0.21 -2.80 -28.61
N GLU C 6 -0.74 -3.63 -28.18
CA GLU C 6 -0.54 -5.07 -28.12
C GLU C 6 -0.19 -5.66 -29.49
N LEU C 7 -0.81 -5.13 -30.53
CA LEU C 7 -0.52 -5.63 -31.86
C LEU C 7 0.95 -5.34 -32.17
N HIS C 8 1.28 -4.05 -32.04
CA HIS C 8 2.61 -3.56 -32.28
C HIS C 8 3.63 -4.38 -31.51
N LEU C 9 3.40 -4.55 -30.22
CA LEU C 9 4.33 -5.27 -29.38
C LEU C 9 4.50 -6.71 -29.84
N ALA C 10 3.40 -7.35 -30.20
CA ALA C 10 3.44 -8.69 -30.74
C ALA C 10 4.29 -8.71 -32.01
N SER C 11 4.05 -7.74 -32.89
CA SER C 11 4.85 -7.59 -34.09
C SER C 11 6.35 -7.52 -33.71
N GLN C 12 6.69 -6.62 -32.80
CA GLN C 12 8.06 -6.49 -32.28
C GLN C 12 8.59 -7.80 -31.71
N PHE C 13 7.74 -8.50 -30.98
CA PHE C 13 8.14 -9.75 -30.37
C PHE C 13 8.48 -10.82 -31.43
N VAL C 14 7.69 -10.87 -32.50
CA VAL C 14 7.90 -11.87 -33.53
C VAL C 14 9.27 -11.72 -34.18
N ASN C 15 9.54 -10.51 -34.66
CA ASN C 15 10.79 -10.21 -35.30
C ASN C 15 11.91 -10.62 -34.37
N GLU C 16 11.82 -10.19 -33.11
CA GLU C 16 12.92 -10.29 -32.16
C GLU C 16 13.29 -11.70 -31.68
N ALA C 17 12.35 -12.64 -31.71
CA ALA C 17 12.70 -14.01 -31.35
C ALA C 17 12.83 -14.90 -32.58
N CYS C 18 12.51 -14.35 -33.75
CA CYS C 18 12.60 -15.08 -35.02
C CYS C 18 13.68 -14.59 -35.99
N ARG C 19 14.36 -13.50 -35.62
CA ARG C 19 15.50 -13.00 -36.40
C ARG C 19 16.51 -14.12 -36.64
N ALA C 20 16.90 -14.81 -35.56
CA ALA C 20 17.90 -15.86 -35.62
C ALA C 20 17.36 -17.14 -36.25
N LEU C 21 16.17 -17.54 -35.80
CA LEU C 21 15.63 -18.87 -36.09
C LEU C 21 15.36 -19.18 -37.58
N VAL C 22 15.40 -20.47 -37.90
CA VAL C 22 15.22 -21.00 -39.25
C VAL C 22 14.07 -22.01 -39.21
N PHE C 23 12.93 -21.63 -39.80
CA PHE C 23 11.70 -22.42 -39.74
C PHE C 23 11.58 -23.44 -40.85
N GLY C 24 10.73 -24.45 -40.62
CA GLY C 24 10.50 -25.49 -41.61
C GLY C 24 9.14 -26.13 -41.51
N GLY C 25 8.89 -27.06 -42.44
CA GLY C 25 7.71 -27.93 -42.43
C GLY C 25 6.44 -27.36 -43.01
N CYS C 26 5.33 -27.88 -42.49
CA CYS C 26 3.97 -27.41 -42.77
C CYS C 26 3.63 -26.25 -41.80
N VAL C 27 2.58 -25.49 -42.12
CA VAL C 27 2.00 -24.56 -41.16
C VAL C 27 0.67 -25.12 -40.66
N GLU C 28 0.66 -25.49 -39.40
CA GLU C 28 -0.37 -26.37 -38.88
C GLU C 28 -1.43 -25.62 -38.07
N LYS C 29 -2.66 -25.63 -38.58
CA LYS C 29 -3.82 -25.06 -37.89
C LYS C 29 -4.36 -26.09 -36.92
N SER C 30 -5.02 -25.62 -35.88
CA SER C 30 -5.73 -26.49 -34.97
C SER C 30 -6.91 -27.10 -35.72
N SER C 31 -7.34 -28.29 -35.30
CA SER C 31 -8.51 -28.88 -35.96
C SER C 31 -9.75 -28.08 -35.57
N VAL C 32 -9.75 -27.53 -34.36
CA VAL C 32 -10.96 -26.92 -33.82
C VAL C 32 -11.27 -25.49 -34.33
N SER C 33 -10.24 -24.79 -34.81
CA SER C 33 -10.38 -23.46 -35.39
C SER C 33 -11.14 -23.44 -36.71
N ARG C 34 -12.13 -22.57 -36.80
CA ARG C 34 -12.82 -22.34 -38.05
C ARG C 34 -12.26 -21.10 -38.72
N ASN C 35 -10.94 -21.07 -38.84
CA ASN C 35 -10.25 -20.10 -39.67
C ASN C 35 -9.53 -20.85 -40.79
N PRO C 36 -9.36 -20.20 -41.96
CA PRO C 36 -8.60 -20.69 -43.10
C PRO C 36 -7.38 -21.55 -42.82
N GLU C 37 -7.08 -22.42 -43.77
CA GLU C 37 -5.86 -23.21 -43.72
C GLU C 37 -4.77 -22.37 -44.34
N VAL C 38 -3.55 -22.60 -43.85
CA VAL C 38 -2.37 -21.96 -44.37
C VAL C 38 -1.62 -22.90 -45.33
N PRO C 39 -1.78 -22.72 -46.66
CA PRO C 39 -1.12 -23.63 -47.58
C PRO C 39 0.32 -23.19 -47.86
N PHE C 40 1.19 -23.34 -46.85
CA PHE C 40 2.60 -22.98 -46.92
C PHE C 40 3.52 -24.11 -46.49
N GLU C 41 4.42 -24.50 -47.39
CA GLU C 41 5.41 -25.51 -47.07
C GLU C 41 6.72 -25.12 -47.77
N SER C 42 7.61 -24.48 -47.02
CA SER C 42 8.99 -24.28 -47.45
C SER C 42 9.88 -25.00 -46.44
N SER C 43 10.95 -25.63 -46.89
CA SER C 43 11.77 -26.50 -46.02
C SER C 43 12.77 -25.76 -45.12
N ALA C 44 12.89 -24.45 -45.33
CA ALA C 44 13.70 -23.56 -44.48
C ALA C 44 13.30 -22.09 -44.73
N TYR C 45 12.62 -21.47 -43.75
CA TYR C 45 12.12 -20.09 -43.91
C TYR C 45 12.29 -19.18 -42.67
N ARG C 46 12.47 -17.88 -42.92
CA ARG C 46 12.48 -16.88 -41.84
C ARG C 46 11.09 -16.23 -41.73
N ILE C 47 10.83 -15.59 -40.60
CA ILE C 47 9.51 -15.06 -40.29
C ILE C 47 9.55 -13.61 -39.76
N SER C 48 8.68 -12.76 -40.30
CA SER C 48 8.63 -11.33 -39.97
C SER C 48 7.24 -10.82 -39.61
N ALA C 49 7.20 -9.66 -38.96
CA ALA C 49 5.94 -9.04 -38.56
C ALA C 49 6.00 -7.54 -38.79
N SER C 50 4.87 -6.97 -39.22
CA SER C 50 4.64 -5.52 -39.14
C SER C 50 3.32 -5.36 -38.37
N ALA C 51 3.01 -4.18 -37.87
CA ALA C 51 1.70 -3.96 -37.26
C ALA C 51 1.07 -2.63 -37.69
N ARG C 52 -0.25 -2.61 -37.85
CA ARG C 52 -0.98 -1.38 -38.17
C ARG C 52 -2.38 -1.30 -37.54
N GLY C 53 -2.47 -0.47 -36.48
CA GLY C 53 -3.68 -0.32 -35.69
C GLY C 53 -4.04 -1.60 -34.94
N LYS C 54 -5.33 -1.90 -34.89
CA LYS C 54 -5.79 -3.18 -34.37
C LYS C 54 -5.67 -4.25 -35.46
N GLU C 55 -4.44 -4.50 -35.89
CA GLU C 55 -4.11 -5.45 -36.98
C GLU C 55 -2.64 -5.78 -37.04
N LEU C 56 -2.33 -7.04 -37.37
CA LEU C 56 -0.95 -7.51 -37.46
C LEU C 56 -0.69 -8.29 -38.75
N ARG C 57 0.48 -8.08 -39.35
CA ARG C 57 0.92 -8.76 -40.60
C ARG C 57 2.18 -9.63 -40.44
N LEU C 58 2.02 -10.93 -40.74
CA LEU C 58 3.12 -11.88 -40.71
C LEU C 58 3.70 -12.14 -42.09
N ILE C 59 5.02 -12.02 -42.24
CA ILE C 59 5.70 -12.39 -43.49
C ILE C 59 6.35 -13.76 -43.32
N LEU C 60 6.01 -14.68 -44.20
CA LEU C 60 6.70 -15.95 -44.25
C LEU C 60 7.49 -16.00 -45.54
N SER C 61 8.80 -16.20 -45.42
CA SER C 61 9.71 -16.04 -46.55
C SER C 61 10.75 -17.16 -46.64
N PRO C 62 10.68 -17.97 -47.72
CA PRO C 62 11.76 -18.92 -48.07
C PRO C 62 13.14 -18.28 -48.28
N LEU C 63 14.21 -18.99 -47.87
CA LEU C 63 15.60 -18.47 -47.88
C LEU C 63 16.46 -19.05 -49.02
N PRO C 64 17.59 -18.41 -49.31
CA PRO C 64 18.48 -18.87 -50.38
C PRO C 64 18.72 -20.37 -50.30
N GLY C 65 17.78 -21.16 -50.81
CA GLY C 65 17.89 -22.60 -50.79
C GLY C 65 16.84 -23.26 -49.92
N ALA C 66 15.71 -23.61 -50.52
CA ALA C 66 14.63 -24.26 -49.79
C ALA C 66 13.69 -25.02 -50.73
N GLN C 67 12.82 -25.81 -50.11
CA GLN C 67 11.86 -26.71 -50.74
C GLN C 67 11.12 -26.10 -51.93
N PRO C 68 9.82 -26.31 -52.02
CA PRO C 68 9.15 -25.86 -53.26
C PRO C 68 9.47 -24.48 -53.73
N GLN C 69 9.14 -24.19 -54.98
CA GLN C 69 9.51 -22.89 -55.55
C GLN C 69 8.48 -21.83 -55.13
N GLN C 70 8.49 -21.51 -53.83
CA GLN C 70 7.44 -20.74 -53.13
C GLN C 70 7.53 -19.24 -53.33
N GLU C 71 6.37 -18.62 -53.54
CA GLU C 71 6.22 -17.18 -53.41
C GLU C 71 6.33 -16.86 -51.90
N PRO C 72 7.27 -15.98 -51.51
CA PRO C 72 7.22 -15.51 -50.12
C PRO C 72 5.92 -14.73 -49.88
N LEU C 73 5.04 -15.26 -49.03
CA LEU C 73 3.69 -14.70 -48.87
C LEU C 73 3.32 -14.46 -47.41
N ALA C 74 2.46 -13.47 -47.20
CA ALA C 74 2.24 -12.93 -45.86
C ALA C 74 0.79 -13.07 -45.36
N LEU C 75 0.61 -12.95 -44.03
CA LEU C 75 -0.68 -13.13 -43.35
C LEU C 75 -1.13 -11.87 -42.60
N VAL C 76 -2.44 -11.71 -42.49
CA VAL C 76 -3.05 -10.71 -41.59
C VAL C 76 -3.54 -11.42 -40.31
N PHE C 77 -3.71 -10.67 -39.24
CA PHE C 77 -4.29 -11.22 -38.03
C PHE C 77 -5.08 -10.09 -37.35
N ARG C 78 -6.28 -10.39 -36.88
CA ARG C 78 -6.98 -9.50 -35.94
C ARG C 78 -7.15 -10.27 -34.65
N PHE C 79 -6.98 -9.61 -33.52
CA PHE C 79 -6.71 -10.36 -32.30
C PHE C 79 -7.92 -10.76 -31.46
N GLY C 80 -9.04 -10.05 -31.61
CA GLY C 80 -10.14 -10.22 -30.66
C GLY C 80 -9.75 -9.86 -29.23
N MET C 81 -10.35 -10.52 -28.25
CA MET C 81 -10.06 -10.26 -26.85
C MET C 81 -8.84 -10.99 -26.33
N SER C 82 -8.49 -12.12 -26.95
CA SER C 82 -7.51 -13.03 -26.37
C SER C 82 -6.41 -13.49 -27.34
N GLY C 83 -6.32 -12.84 -28.50
CA GLY C 83 -5.23 -13.11 -29.41
C GLY C 83 -3.91 -12.90 -28.69
N SER C 84 -2.87 -13.56 -29.18
CA SER C 84 -1.58 -13.66 -28.51
C SER C 84 -0.61 -14.20 -29.56
N PHE C 85 0.60 -14.56 -29.12
CA PHE C 85 1.65 -15.14 -29.97
C PHE C 85 2.76 -15.66 -29.08
N GLN C 86 3.26 -16.86 -29.35
CA GLN C 86 4.20 -17.52 -28.43
C GLN C 86 5.24 -18.42 -29.11
N LEU C 87 6.47 -18.35 -28.60
CA LEU C 87 7.54 -19.23 -29.06
C LEU C 87 7.76 -20.29 -28.00
N VAL C 88 7.43 -21.53 -28.34
CA VAL C 88 7.45 -22.62 -27.35
C VAL C 88 8.19 -23.85 -27.88
N PRO C 89 8.68 -24.72 -26.96
CA PRO C 89 9.17 -26.03 -27.39
C PRO C 89 8.07 -26.78 -28.13
N ARG C 90 8.35 -27.26 -29.34
CA ARG C 90 7.38 -27.99 -30.16
C ARG C 90 6.50 -28.88 -29.29
N GLU C 91 7.13 -29.45 -28.27
CA GLU C 91 6.53 -30.38 -27.31
C GLU C 91 5.42 -29.74 -26.45
N GLU C 92 5.73 -28.60 -25.82
CA GLU C 92 4.78 -27.86 -24.97
C GLU C 92 3.93 -26.81 -25.73
N LEU C 93 2.97 -27.24 -26.56
CA LEU C 93 1.99 -26.30 -27.09
C LEU C 93 0.99 -25.98 -25.98
N PRO C 94 0.77 -24.67 -25.71
CA PRO C 94 -0.24 -24.39 -24.68
C PRO C 94 -1.63 -24.57 -25.27
N ARG C 95 -2.63 -24.71 -24.40
CA ARG C 95 -4.03 -24.80 -24.83
C ARG C 95 -4.33 -23.66 -25.79
N HIS C 96 -5.17 -23.94 -26.77
CA HIS C 96 -5.59 -22.94 -27.76
C HIS C 96 -4.44 -22.42 -28.62
N ALA C 97 -3.34 -23.16 -28.70
CA ALA C 97 -2.40 -22.96 -29.82
C ALA C 97 -3.17 -23.31 -31.10
N HIS C 98 -3.64 -22.27 -31.81
CA HIS C 98 -4.60 -22.46 -32.92
C HIS C 98 -3.98 -22.44 -34.31
N LEU C 99 -2.79 -21.86 -34.42
CA LEU C 99 -2.01 -21.90 -35.67
C LEU C 99 -0.56 -22.02 -35.25
N ARG C 100 0.16 -22.94 -35.88
CA ARG C 100 1.49 -23.27 -35.41
C ARG C 100 2.53 -23.27 -36.54
N PHE C 101 3.70 -22.71 -36.25
CA PHE C 101 4.79 -22.61 -37.22
C PHE C 101 6.00 -23.32 -36.60
N TYR C 102 6.71 -24.14 -37.37
CA TYR C 102 7.74 -24.96 -36.74
C TYR C 102 9.15 -24.67 -37.18
N THR C 103 10.12 -25.19 -36.43
CA THR C 103 11.53 -25.10 -36.81
C THR C 103 11.89 -26.13 -37.88
N ALA C 104 13.12 -26.07 -38.38
CA ALA C 104 13.60 -27.00 -39.41
C ALA C 104 14.10 -28.30 -38.79
N PRO C 105 14.86 -29.05 -39.59
CA PRO C 105 15.49 -30.31 -39.19
C PRO C 105 16.62 -30.10 -38.19
N PRO C 106 17.87 -30.42 -38.54
CA PRO C 106 18.92 -30.16 -37.52
C PRO C 106 18.82 -28.73 -36.98
N GLY C 107 17.75 -28.46 -36.24
CA GLY C 107 17.52 -27.12 -35.70
C GLY C 107 16.70 -27.22 -34.42
N PRO C 108 16.95 -26.34 -33.43
CA PRO C 108 16.33 -26.47 -32.11
C PRO C 108 14.84 -26.80 -32.17
N ARG C 109 14.38 -27.74 -31.33
CA ARG C 109 12.96 -28.13 -31.31
C ARG C 109 12.09 -27.01 -30.69
N LEU C 110 11.53 -26.15 -31.53
CA LEU C 110 10.71 -24.97 -31.13
C LEU C 110 9.47 -24.73 -32.03
N ALA C 111 8.44 -24.11 -31.48
CA ALA C 111 7.23 -23.82 -32.26
C ALA C 111 6.68 -22.41 -32.03
N LEU C 112 6.48 -21.66 -33.11
CA LEU C 112 5.77 -20.37 -33.06
C LEU C 112 4.29 -20.62 -33.23
N CYS C 113 3.53 -20.25 -32.21
CA CYS C 113 2.09 -20.47 -32.19
C CYS C 113 1.34 -19.15 -32.19
N PHE C 114 0.18 -19.13 -32.84
CA PHE C 114 -0.79 -18.10 -32.54
C PHE C 114 -1.76 -18.65 -31.49
N VAL C 115 -1.93 -17.93 -30.36
CA VAL C 115 -2.84 -18.35 -29.27
C VAL C 115 -4.02 -17.39 -29.14
N ASP C 116 -5.23 -17.93 -29.25
CA ASP C 116 -6.47 -17.18 -29.07
C ASP C 116 -7.38 -18.07 -28.25
N ILE C 117 -7.54 -17.73 -26.98
CA ILE C 117 -8.40 -18.50 -26.08
C ILE C 117 -9.86 -18.45 -26.55
N ARG C 118 -10.31 -17.22 -26.85
CA ARG C 118 -11.72 -16.99 -27.07
C ARG C 118 -12.12 -17.19 -28.52
N ARG C 119 -11.15 -17.11 -29.43
CA ARG C 119 -11.39 -17.37 -30.85
C ARG C 119 -12.19 -16.24 -31.52
N PHE C 120 -12.17 -15.08 -30.89
CA PHE C 120 -12.81 -13.88 -31.43
C PHE C 120 -11.92 -13.26 -32.46
N GLY C 121 -10.63 -13.52 -32.31
CA GLY C 121 -9.66 -13.15 -33.34
C GLY C 121 -9.95 -13.86 -34.63
N ARG C 122 -9.48 -13.27 -35.74
CA ARG C 122 -9.59 -13.83 -37.11
C ARG C 122 -8.23 -13.82 -37.84
N TRP C 123 -7.95 -14.81 -38.69
CA TRP C 123 -6.82 -14.66 -39.62
C TRP C 123 -7.18 -14.84 -41.08
N ASP C 124 -6.78 -13.83 -41.86
CA ASP C 124 -7.17 -13.64 -43.26
C ASP C 124 -6.13 -14.04 -44.28
N LEU C 125 -6.62 -14.65 -45.36
CA LEU C 125 -5.84 -15.02 -46.52
C LEU C 125 -5.45 -13.78 -47.35
N GLY C 126 -4.15 -13.63 -47.59
CA GLY C 126 -3.64 -12.48 -48.33
C GLY C 126 -3.01 -11.52 -47.36
N GLY C 127 -1.97 -10.85 -47.81
CA GLY C 127 -1.38 -9.78 -47.02
C GLY C 127 -2.05 -8.52 -47.52
N LYS C 128 -3.13 -8.14 -46.86
CA LYS C 128 -3.83 -6.90 -47.17
C LYS C 128 -4.34 -6.36 -45.85
N TRP C 129 -4.30 -5.04 -45.66
CA TRP C 129 -5.02 -4.45 -44.51
C TRP C 129 -6.53 -4.38 -44.81
N GLN C 130 -7.32 -4.13 -43.77
CA GLN C 130 -8.76 -4.07 -43.88
C GLN C 130 -9.14 -2.72 -44.49
N PRO C 131 -9.73 -2.75 -45.69
CA PRO C 131 -10.19 -1.47 -46.22
C PRO C 131 -11.16 -0.85 -45.23
N GLY C 132 -11.16 0.47 -45.14
CA GLY C 132 -12.14 1.19 -44.32
C GLY C 132 -11.63 1.59 -42.95
N ARG C 133 -10.60 0.90 -42.48
CA ARG C 133 -9.95 1.35 -41.26
C ARG C 133 -9.10 2.56 -41.58
N GLY C 134 -9.21 3.60 -40.75
CA GLY C 134 -8.30 4.75 -40.80
C GLY C 134 -6.89 4.32 -40.41
N PRO C 135 -5.94 5.24 -40.42
CA PRO C 135 -4.54 4.93 -40.12
C PRO C 135 -4.19 4.69 -38.66
N CYS C 136 -2.99 4.18 -38.45
CA CYS C 136 -2.54 3.69 -37.19
C CYS C 136 -2.07 4.80 -36.31
N VAL C 137 -2.88 5.14 -35.31
CA VAL C 137 -2.63 6.25 -34.43
C VAL C 137 -1.20 6.24 -33.98
N LEU C 138 -0.58 5.08 -34.04
CA LEU C 138 0.80 4.99 -33.68
C LEU C 138 1.62 5.40 -34.85
N GLN C 139 1.73 4.50 -35.81
CA GLN C 139 2.64 4.70 -36.90
C GLN C 139 2.17 5.70 -37.90
N GLU C 140 0.87 5.88 -38.10
CA GLU C 140 0.51 6.90 -39.08
C GLU C 140 -0.33 8.00 -38.43
N TYR C 141 0.29 8.76 -37.54
CA TYR C 141 -0.39 9.83 -36.86
C TYR C 141 -0.87 10.89 -37.81
N GLN C 142 0.04 11.58 -38.47
CA GLN C 142 -0.43 12.76 -39.15
C GLN C 142 -1.57 12.39 -40.09
N GLN C 143 -1.32 11.35 -40.89
CA GLN C 143 -2.35 10.74 -41.73
C GLN C 143 -3.61 10.61 -40.88
N PHE C 144 -3.52 9.79 -39.83
CA PHE C 144 -4.61 9.57 -38.86
C PHE C 144 -5.24 10.88 -38.37
N ARG C 145 -4.39 11.86 -38.05
CA ARG C 145 -4.84 13.16 -37.55
C ARG C 145 -5.75 13.89 -38.54
N GLU C 146 -5.26 14.06 -39.77
CA GLU C 146 -6.01 14.81 -40.76
C GLU C 146 -7.23 14.02 -41.22
N ASN C 147 -7.07 12.73 -41.37
CA ASN C 147 -8.16 11.84 -41.70
C ASN C 147 -9.38 12.21 -40.90
N VAL C 148 -9.21 12.32 -39.60
CA VAL C 148 -10.31 12.58 -38.68
C VAL C 148 -10.78 14.02 -38.74
N LEU C 149 -9.85 14.97 -38.74
CA LEU C 149 -10.24 16.39 -38.69
C LEU C 149 -10.99 16.87 -39.92
N ARG C 150 -10.61 16.34 -41.08
CA ARG C 150 -11.28 16.65 -42.34
C ARG C 150 -12.66 15.97 -42.48
N ASN C 151 -13.11 15.25 -41.46
CA ASN C 151 -14.36 14.50 -41.59
C ASN C 151 -15.37 14.68 -40.44
N LEU C 152 -15.31 15.81 -39.73
CA LEU C 152 -16.14 16.02 -38.53
C LEU C 152 -17.67 16.01 -38.72
N ALA C 153 -18.14 16.65 -39.79
CA ALA C 153 -19.55 16.52 -40.18
C ALA C 153 -19.73 15.14 -40.82
N ASP C 154 -19.93 14.14 -39.97
CA ASP C 154 -20.06 12.75 -40.41
C ASP C 154 -20.86 12.01 -39.35
N LYS C 155 -21.77 11.17 -39.83
CA LYS C 155 -22.66 10.37 -38.97
C LYS C 155 -21.88 9.82 -37.79
N ALA C 156 -20.64 9.39 -38.05
CA ALA C 156 -19.77 8.86 -37.01
C ALA C 156 -19.72 9.79 -35.79
N PHE C 157 -19.60 11.09 -36.04
CA PHE C 157 -19.31 12.06 -34.99
C PHE C 157 -20.53 12.65 -34.31
N ASP C 158 -21.69 12.12 -34.64
CA ASP C 158 -22.93 12.44 -33.94
C ASP C 158 -22.91 11.78 -32.56
N ARG C 159 -22.20 10.65 -32.45
CA ARG C 159 -22.11 9.79 -31.25
C ARG C 159 -21.22 10.35 -30.10
N PRO C 160 -21.42 9.86 -28.84
CA PRO C 160 -20.54 10.29 -27.72
C PRO C 160 -19.09 10.07 -28.07
N ILE C 161 -18.24 10.97 -27.62
CA ILE C 161 -16.84 10.85 -27.98
C ILE C 161 -16.29 9.45 -27.59
N CYS C 162 -16.69 8.95 -26.42
CA CYS C 162 -16.21 7.63 -25.99
C CYS C 162 -16.61 6.50 -26.94
N GLU C 163 -17.72 6.71 -27.65
CA GLU C 163 -18.14 5.79 -28.73
C GLU C 163 -17.38 6.10 -30.04
N ALA C 164 -17.40 7.37 -30.45
CA ALA C 164 -16.58 7.81 -31.56
C ALA C 164 -15.20 7.13 -31.46
N LEU C 165 -14.50 7.34 -30.36
CA LEU C 165 -13.16 6.76 -30.12
C LEU C 165 -12.92 5.26 -30.45
N LEU C 166 -13.95 4.44 -30.29
CA LEU C 166 -13.84 3.02 -30.57
C LEU C 166 -13.87 2.75 -32.07
N ASP C 167 -14.33 3.73 -32.84
CA ASP C 167 -14.41 3.60 -34.29
C ASP C 167 -13.05 3.30 -34.89
N GLN C 168 -12.97 2.20 -35.65
CA GLN C 168 -11.72 1.80 -36.29
C GLN C 168 -11.47 2.60 -37.57
N ARG C 169 -12.55 3.11 -38.16
CA ARG C 169 -12.45 3.89 -39.39
C ARG C 169 -11.53 5.09 -39.20
N PHE C 170 -11.50 5.62 -37.98
CA PHE C 170 -10.66 6.78 -37.67
C PHE C 170 -9.58 6.41 -36.68
N PHE C 171 -10.02 5.81 -35.59
CA PHE C 171 -9.18 5.53 -34.44
C PHE C 171 -8.65 4.11 -34.47
N ASN C 172 -8.21 3.68 -35.67
CA ASN C 172 -7.62 2.36 -35.83
C ASN C 172 -6.53 2.22 -34.78
N GLY C 173 -6.69 1.24 -33.88
CA GLY C 173 -5.75 0.99 -32.79
C GLY C 173 -6.28 1.28 -31.39
N ILE C 174 -7.36 2.05 -31.32
CA ILE C 174 -7.94 2.51 -30.04
C ILE C 174 -8.95 1.50 -29.51
N GLY C 175 -8.69 0.98 -28.31
CA GLY C 175 -9.64 0.11 -27.65
C GLY C 175 -10.22 0.67 -26.37
N ASN C 176 -11.10 -0.12 -25.77
CA ASN C 176 -11.83 0.27 -24.57
C ASN C 176 -10.96 0.82 -23.42
N TYR C 177 -9.75 0.27 -23.26
CA TYR C 177 -8.85 0.75 -22.20
C TYR C 177 -8.22 2.05 -22.65
N LEU C 178 -7.90 2.16 -23.93
CA LEU C 178 -7.27 3.40 -24.41
C LEU C 178 -8.19 4.61 -24.30
N ARG C 179 -9.44 4.45 -24.72
CA ARG C 179 -10.39 5.55 -24.70
C ARG C 179 -10.60 6.05 -23.29
N ALA C 180 -10.61 5.10 -22.33
CA ALA C 180 -10.70 5.45 -20.92
C ALA C 180 -9.56 6.40 -20.58
N GLU C 181 -8.36 5.85 -20.74
CA GLU C 181 -7.16 6.52 -20.37
C GLU C 181 -7.04 7.83 -21.14
N ILE C 182 -7.53 7.87 -22.38
CA ILE C 182 -7.39 9.09 -23.16
C ILE C 182 -8.29 10.18 -22.63
N LEU C 183 -9.58 9.87 -22.55
CA LEU C 183 -10.55 10.85 -22.07
C LEU C 183 -10.22 11.34 -20.68
N TYR C 184 -9.91 10.38 -19.81
CA TYR C 184 -9.61 10.65 -18.43
C TYR C 184 -8.48 11.68 -18.30
N ARG C 185 -7.55 11.68 -19.26
CA ARG C 185 -6.43 12.62 -19.22
C ARG C 185 -6.77 14.04 -19.64
N LEU C 186 -8.00 14.27 -20.07
CA LEU C 186 -8.37 15.60 -20.41
C LEU C 186 -9.58 16.04 -19.64
N LYS C 187 -10.02 15.19 -18.71
CA LYS C 187 -11.30 15.33 -18.04
C LYS C 187 -12.41 15.70 -19.04
N ILE C 188 -12.45 14.96 -20.15
CA ILE C 188 -13.57 15.08 -21.09
C ILE C 188 -14.65 14.10 -20.69
N PRO C 189 -15.86 14.62 -20.45
CA PRO C 189 -17.01 13.78 -20.19
C PRO C 189 -17.29 12.92 -21.42
N PRO C 190 -17.29 11.57 -21.24
CA PRO C 190 -17.34 10.56 -22.30
C PRO C 190 -18.59 10.59 -23.15
N PHE C 191 -19.72 10.99 -22.57
CA PHE C 191 -20.93 11.18 -23.36
C PHE C 191 -21.13 12.63 -23.77
N GLU C 192 -20.03 13.35 -23.81
CA GLU C 192 -20.00 14.58 -24.57
C GLU C 192 -20.01 14.12 -26.04
N LYS C 193 -20.78 14.83 -26.86
CA LYS C 193 -20.84 14.54 -28.30
C LYS C 193 -19.48 14.69 -28.95
N ALA C 194 -19.10 13.72 -29.77
CA ALA C 194 -17.82 13.72 -30.50
C ALA C 194 -17.52 15.06 -31.17
N ARG C 195 -18.50 15.55 -31.92
CA ARG C 195 -18.36 16.76 -32.73
C ARG C 195 -17.96 17.95 -31.87
N SER C 196 -18.76 18.22 -30.83
CA SER C 196 -18.57 19.38 -29.97
C SER C 196 -17.12 19.47 -29.49
N VAL C 197 -16.62 18.33 -29.05
CA VAL C 197 -15.24 18.18 -28.67
C VAL C 197 -14.40 18.61 -29.85
N LEU C 198 -14.43 17.81 -30.92
CA LEU C 198 -13.48 17.95 -32.01
C LEU C 198 -13.34 19.27 -32.77
N GLU C 199 -14.37 20.11 -32.80
CA GLU C 199 -14.19 21.44 -33.36
C GLU C 199 -13.16 22.19 -32.53
N ALA C 200 -11.90 22.06 -32.91
CA ALA C 200 -10.79 22.63 -32.16
C ALA C 200 -9.49 21.97 -32.58
N ASN C 222 -1.46 21.21 -22.27
CA ASN C 222 -1.98 21.51 -23.62
C ASN C 222 -2.10 20.37 -24.66
N PRO C 223 -1.43 19.20 -24.46
CA PRO C 223 -1.62 18.21 -25.54
C PRO C 223 -3.11 17.92 -25.71
N ASP C 224 -3.61 17.96 -26.94
CA ASP C 224 -5.05 17.74 -27.21
C ASP C 224 -5.41 16.28 -27.45
N LEU C 225 -6.69 16.03 -27.73
CA LEU C 225 -7.21 14.68 -27.81
C LEU C 225 -6.58 13.79 -28.89
N LEU C 226 -6.29 14.36 -30.06
CA LEU C 226 -5.70 13.53 -31.08
C LEU C 226 -4.23 13.23 -30.80
N GLU C 227 -3.54 14.13 -30.12
CA GLU C 227 -2.16 13.87 -29.71
C GLU C 227 -2.12 12.74 -28.69
N LEU C 228 -3.05 12.81 -27.75
CA LEU C 228 -3.17 11.78 -26.75
C LEU C 228 -3.42 10.46 -27.45
N CYS C 229 -4.18 10.52 -28.56
CA CYS C 229 -4.50 9.35 -29.34
C CYS C 229 -3.27 8.68 -29.92
N HIS C 230 -2.17 9.41 -29.93
CA HIS C 230 -0.93 8.83 -30.36
C HIS C 230 -0.04 8.48 -29.19
N SER C 231 0.31 9.50 -28.42
CA SER C 231 1.35 9.34 -27.41
C SER C 231 0.98 8.35 -26.31
N VAL C 232 -0.32 8.30 -25.99
CA VAL C 232 -0.77 7.51 -24.87
C VAL C 232 -0.46 6.07 -25.21
N PRO C 233 -0.91 5.62 -26.40
CA PRO C 233 -0.49 4.31 -26.86
C PRO C 233 1.02 4.16 -26.94
N LYS C 234 1.75 5.22 -27.29
CA LYS C 234 3.18 5.06 -27.44
C LYS C 234 3.79 4.70 -26.08
N GLU C 235 3.20 5.22 -25.02
CA GLU C 235 3.63 4.93 -23.67
C GLU C 235 3.58 3.43 -23.36
N VAL C 236 2.58 2.74 -23.92
CA VAL C 236 2.36 1.33 -23.64
C VAL C 236 3.42 0.46 -24.30
N VAL C 237 3.77 0.81 -25.54
CA VAL C 237 4.90 0.18 -26.21
C VAL C 237 6.17 0.30 -25.37
N GLN C 238 6.32 1.45 -24.71
CA GLN C 238 7.51 1.75 -23.95
C GLN C 238 7.60 0.87 -22.72
N LEU C 239 6.45 0.50 -22.17
CA LEU C 239 6.41 -0.36 -20.99
C LEU C 239 7.25 -1.62 -21.20
N GLY C 240 7.23 -2.13 -22.43
CA GLY C 240 8.00 -3.31 -22.78
C GLY C 240 7.68 -4.49 -21.88
N GLY C 241 8.27 -5.65 -22.20
CA GLY C 241 8.07 -6.86 -21.42
C GLY C 241 6.79 -7.58 -21.79
N ARG C 242 5.76 -7.43 -20.95
CA ARG C 242 4.45 -8.11 -21.19
C ARG C 242 4.41 -9.53 -21.81
N GLY C 243 5.00 -10.50 -21.12
CA GLY C 243 5.04 -11.90 -21.55
C GLY C 243 5.80 -12.15 -22.85
N TYR C 244 6.43 -11.08 -23.34
CA TYR C 244 7.07 -11.05 -24.66
C TYR C 244 8.60 -10.92 -24.56
N ASP C 252 3.70 -9.50 -15.82
CA ASP C 252 4.03 -8.43 -16.74
C ASP C 252 2.81 -7.55 -16.93
N PHE C 253 1.64 -8.19 -16.79
CA PHE C 253 0.37 -7.51 -16.56
C PHE C 253 0.38 -6.74 -15.22
N ALA C 254 1.40 -6.98 -14.37
CA ALA C 254 1.59 -6.26 -13.08
C ALA C 254 2.04 -4.79 -13.25
N ALA C 255 2.86 -4.56 -14.29
CA ALA C 255 3.27 -3.22 -14.71
C ALA C 255 2.11 -2.47 -15.36
N PHE C 256 1.59 -3.02 -16.46
CA PHE C 256 0.40 -2.50 -17.09
C PHE C 256 -0.66 -2.10 -16.08
N ARG C 257 -1.01 -3.00 -15.17
CA ARG C 257 -1.91 -2.66 -14.06
C ARG C 257 -1.53 -1.32 -13.40
N ALA C 258 -0.30 -1.24 -12.90
CA ALA C 258 0.25 -0.02 -12.27
C ALA C 258 0.17 1.27 -13.15
N TRP C 259 0.39 1.10 -14.45
CA TRP C 259 0.30 2.17 -15.44
C TRP C 259 -1.07 2.89 -15.45
N LEU C 260 -2.13 2.11 -15.72
CA LEU C 260 -3.49 2.61 -15.81
C LEU C 260 -3.83 3.67 -14.77
N ARG C 261 -4.47 4.73 -15.25
CA ARG C 261 -4.92 5.81 -14.40
C ARG C 261 -6.42 5.83 -14.31
N CYS C 262 -7.10 4.91 -14.99
CA CYS C 262 -8.55 4.93 -14.96
C CYS C 262 -9.18 3.56 -15.15
N TYR C 263 -8.98 2.98 -16.33
CA TYR C 263 -9.63 1.73 -16.68
C TYR C 263 -9.50 0.72 -15.55
N GLY C 264 -10.62 0.15 -15.12
CA GLY C 264 -10.61 -0.89 -14.09
C GLY C 264 -10.21 -0.41 -12.69
N MET C 265 -10.18 0.90 -12.50
CA MET C 265 -9.55 1.43 -11.32
C MET C 265 -10.49 1.75 -10.14
N PRO C 266 -10.01 1.44 -8.91
CA PRO C 266 -10.60 1.87 -7.64
C PRO C 266 -11.10 3.32 -7.63
N GLY C 267 -12.28 3.54 -7.07
CA GLY C 267 -12.86 4.89 -6.93
C GLY C 267 -13.10 5.56 -8.26
N MET C 268 -13.46 4.75 -9.27
CA MET C 268 -13.73 5.23 -10.63
C MET C 268 -15.14 4.83 -11.03
N SER C 269 -15.90 5.74 -11.64
CA SER C 269 -17.26 5.38 -12.03
C SER C 269 -17.28 4.66 -13.39
N SER C 270 -18.38 3.99 -13.70
CA SER C 270 -18.56 3.34 -14.99
C SER C 270 -20.02 3.25 -15.44
N LEU C 271 -20.21 3.11 -16.75
CA LEU C 271 -21.51 2.89 -17.39
C LEU C 271 -21.32 2.11 -18.68
N GLN C 272 -22.43 1.85 -19.35
CA GLN C 272 -22.45 1.17 -20.63
C GLN C 272 -22.67 2.15 -21.78
N ASP C 273 -22.11 1.84 -22.93
CA ASP C 273 -22.37 2.59 -24.13
C ASP C 273 -23.21 1.81 -25.11
N ARG C 274 -23.64 2.46 -26.16
CA ARG C 274 -24.29 1.76 -27.24
C ARG C 274 -23.47 0.51 -27.45
N HIS C 275 -24.14 -0.63 -27.44
CA HIS C 275 -23.48 -1.93 -27.58
C HIS C 275 -22.93 -2.36 -26.24
N GLY C 276 -23.36 -1.68 -25.19
CA GLY C 276 -22.99 -2.06 -23.85
C GLY C 276 -21.55 -2.46 -23.65
N ARG C 277 -20.64 -1.55 -23.95
CA ARG C 277 -19.25 -1.71 -23.62
C ARG C 277 -18.98 -0.77 -22.48
N THR C 278 -18.13 -1.17 -21.56
CA THR C 278 -17.92 -0.36 -20.37
C THR C 278 -16.90 0.73 -20.59
N ILE C 279 -17.36 1.96 -20.45
CA ILE C 279 -16.51 3.13 -20.35
C ILE C 279 -16.12 3.42 -18.88
N TRP C 280 -14.83 3.62 -18.63
CA TRP C 280 -14.37 4.10 -17.32
C TRP C 280 -13.98 5.58 -17.40
N PHE C 281 -14.37 6.36 -16.39
CA PHE C 281 -14.17 7.82 -16.39
C PHE C 281 -14.26 8.40 -14.96
N GLN C 282 -13.81 9.65 -14.80
CA GLN C 282 -14.04 10.36 -13.55
C GLN C 282 -14.84 11.64 -13.79
N GLY C 283 -15.60 12.03 -12.76
CA GLY C 283 -16.38 13.27 -12.76
C GLY C 283 -17.71 13.18 -13.48
N ASP C 284 -18.14 14.30 -14.03
CA ASP C 284 -19.33 14.38 -14.87
C ASP C 284 -19.21 13.41 -16.07
N PRO C 285 -20.35 12.83 -16.51
CA PRO C 285 -20.48 12.00 -17.72
C PRO C 285 -20.95 12.66 -19.03
N GLY C 286 -21.63 13.81 -18.97
CA GLY C 286 -22.06 14.52 -20.20
C GLY C 286 -23.47 14.25 -20.68
N PRO C 287 -23.98 15.09 -21.60
CA PRO C 287 -25.38 15.05 -22.09
C PRO C 287 -25.91 13.70 -22.60
N LEU C 288 -25.04 12.87 -23.16
CA LEU C 288 -25.52 11.71 -23.93
C LEU C 288 -25.52 10.37 -23.20
N ALA C 289 -25.52 10.39 -21.87
CA ALA C 289 -25.69 9.15 -21.12
C ALA C 289 -27.12 8.62 -21.30
N PRO C 290 -27.40 7.35 -20.92
CA PRO C 290 -28.81 6.85 -20.89
C PRO C 290 -29.42 6.64 -19.50
#